data_8SZU
#
_entry.id   8SZU
#
_cell.length_a   80.594
_cell.length_b   80.594
_cell.length_c   204.645
_cell.angle_alpha   90.000
_cell.angle_beta   90.000
_cell.angle_gamma   90.000
#
_symmetry.space_group_name_H-M   'P 41 21 2'
#
loop_
_entity.id
_entity.type
_entity.pdbx_description
1 polymer 'Histone deacetylase domain-containing protein'
2 non-polymer Citarinostat
3 non-polymer 'ZINC ION'
4 non-polymer 'POTASSIUM ION'
5 water water
#
_entity_poly.entity_id   1
_entity_poly.type   'polypeptide(L)'
_entity_poly.pdbx_seq_one_letter_code
;GHMKKIGYVWDTLYSWVDTGTGGVFAANLSKRIQPITHHMNHPDTKRRFNELVMTSGQIDFLTPIKPYPATDADILRVHD
KQLLDNAKNVSNKECGGDIGDRVTHLGNGGIEIAYLSAGGAIELTKKVISGELHTGYALVSPPGHHATKKDSMGFCIFNN
TSIAAAYAKDILGLKRVAIVDWDVHHGNGTQDIWWEDSSVLTISIHQNKCFPTNSGFINERGAGNGFGYNLNIPLPPGSG
NGAYIYAFEKVIVPALKKYEPELIIVGSGFDASILDPLSRMMVSSEGFKKMASLILEVSNEINGGKCLFVQEGGYSPHYL
PFCGLAVIEALTGMHTLDDPLIDMVGEMGGNELLPHEKKVVDECANLIADIN
;
_entity_poly.pdbx_strand_id   A,B
#
# COMPACT_ATOMS: atom_id res chain seq x y z
N GLY A 1 -5.31 7.55 43.87
CA GLY A 1 -4.00 8.13 43.75
C GLY A 1 -4.03 9.51 43.11
N HIS A 2 -2.86 10.11 42.94
CA HIS A 2 -2.77 11.46 42.37
C HIS A 2 -1.76 11.47 41.22
N MET A 3 -1.71 10.36 40.48
CA MET A 3 -0.87 10.14 39.31
C MET A 3 -1.77 9.91 38.10
N LYS A 4 -1.43 10.54 36.96
CA LYS A 4 -2.08 10.20 35.70
C LYS A 4 -1.62 8.81 35.27
N LYS A 5 -2.57 7.90 35.06
CA LYS A 5 -2.26 6.48 34.84
C LYS A 5 -2.77 6.05 33.46
N ILE A 6 -1.84 5.82 32.53
CA ILE A 6 -2.14 5.40 31.18
C ILE A 6 -1.48 4.03 31.00
N GLY A 7 -2.29 2.99 30.82
CA GLY A 7 -1.73 1.64 30.77
C GLY A 7 -1.12 1.32 29.42
N TYR A 8 -0.13 0.42 29.45
CA TYR A 8 0.55 -0.07 28.24
C TYR A 8 0.74 -1.57 28.42
N VAL A 9 0.06 -2.37 27.59
CA VAL A 9 0.15 -3.83 27.65
C VAL A 9 1.07 -4.31 26.54
N TRP A 10 2.15 -4.98 26.93
CA TRP A 10 3.07 -5.55 25.98
C TRP A 10 3.69 -6.80 26.59
N ASP A 11 4.04 -7.76 25.75
CA ASP A 11 4.75 -8.95 26.22
C ASP A 11 5.64 -9.41 25.08
N THR A 12 6.87 -9.81 25.41
CA THR A 12 7.80 -10.28 24.38
C THR A 12 7.15 -11.35 23.51
N LEU A 13 6.33 -12.21 24.10
CA LEU A 13 5.71 -13.31 23.35
C LEU A 13 4.88 -12.81 22.18
N TYR A 14 4.35 -11.58 22.26
CA TYR A 14 3.59 -11.07 21.13
C TYR A 14 4.45 -10.88 19.89
N SER A 15 5.76 -10.81 20.04
CA SER A 15 6.66 -10.69 18.91
C SER A 15 7.27 -12.03 18.51
N TRP A 16 6.76 -13.13 19.07
CA TRP A 16 7.26 -14.48 18.80
C TRP A 16 6.29 -15.31 17.95
N VAL A 17 5.30 -14.67 17.32
CA VAL A 17 4.39 -15.41 16.44
C VAL A 17 5.18 -16.01 15.28
N ASP A 18 4.88 -17.26 14.96
CA ASP A 18 5.53 -17.93 13.83
C ASP A 18 4.73 -17.58 12.59
N THR A 19 5.24 -16.63 11.79
CA THR A 19 4.58 -16.19 10.57
C THR A 19 5.08 -16.93 9.34
N GLY A 20 5.81 -18.04 9.54
CA GLY A 20 6.26 -18.87 8.46
C GLY A 20 5.17 -19.80 7.97
N THR A 21 5.52 -20.60 6.97
CA THR A 21 4.57 -21.49 6.33
C THR A 21 4.91 -22.94 6.66
N ASN A 28 2.86 -21.38 -3.94
CA ASN A 28 2.78 -22.72 -4.50
C ASN A 28 3.53 -22.87 -5.82
N LEU A 29 4.34 -23.93 -5.88
CA LEU A 29 5.32 -24.11 -6.95
C LEU A 29 4.65 -24.34 -8.29
N SER A 30 3.59 -25.16 -8.32
CA SER A 30 2.84 -25.40 -9.54
C SER A 30 2.41 -24.10 -10.21
N LYS A 31 2.02 -23.12 -9.41
CA LYS A 31 1.58 -21.83 -9.92
C LYS A 31 2.74 -20.86 -10.11
N ARG A 32 3.99 -21.33 -9.92
CA ARG A 32 5.18 -20.50 -10.00
C ARG A 32 5.07 -19.27 -9.10
N ILE A 33 4.53 -19.49 -7.91
CA ILE A 33 4.54 -18.51 -6.83
C ILE A 33 5.79 -18.76 -6.01
N GLN A 34 6.77 -17.88 -6.14
CA GLN A 34 8.08 -18.08 -5.51
C GLN A 34 7.96 -17.88 -4.00
N PRO A 35 8.60 -18.74 -3.20
CA PRO A 35 8.50 -18.59 -1.74
C PRO A 35 8.94 -17.20 -1.28
N ILE A 36 8.24 -16.69 -0.29
CA ILE A 36 8.59 -15.45 0.40
C ILE A 36 9.23 -15.82 1.72
N THR A 37 10.30 -15.13 2.09
CA THR A 37 10.93 -15.41 3.38
C THR A 37 10.39 -14.54 4.49
N HIS A 38 10.27 -13.23 4.24
CA HIS A 38 9.76 -12.26 5.23
C HIS A 38 8.29 -12.00 4.91
N HIS A 39 7.41 -12.64 5.67
CA HIS A 39 5.99 -12.63 5.30
C HIS A 39 5.32 -11.33 5.72
N MET A 40 4.11 -11.13 5.19
CA MET A 40 3.41 -9.85 5.32
C MET A 40 3.22 -9.47 6.80
N ASN A 41 2.76 -10.42 7.60
CA ASN A 41 2.50 -10.25 9.03
C ASN A 41 3.71 -10.53 9.92
N HIS A 42 4.92 -10.34 9.41
CA HIS A 42 6.11 -10.58 10.21
C HIS A 42 6.09 -9.73 11.48
N PRO A 43 6.60 -10.25 12.60
CA PRO A 43 6.54 -9.48 13.85
C PRO A 43 7.35 -8.19 13.87
N ASP A 44 8.26 -7.96 12.91
CA ASP A 44 9.07 -6.74 12.94
C ASP A 44 8.21 -5.48 13.03
N THR A 45 7.12 -5.41 12.28
CA THR A 45 6.39 -4.14 12.19
C THR A 45 5.89 -3.70 13.57
N LYS A 46 5.15 -4.57 14.26
CA LYS A 46 4.62 -4.19 15.57
C LYS A 46 5.73 -4.15 16.63
N ARG A 47 6.75 -4.99 16.47
CA ARG A 47 7.89 -4.88 17.39
C ARG A 47 8.54 -3.50 17.29
N ARG A 48 8.70 -2.96 16.07
CA ARG A 48 9.29 -1.62 15.96
C ARG A 48 8.43 -0.57 16.65
N PHE A 49 7.11 -0.78 16.69
CA PHE A 49 6.23 0.11 17.44
C PHE A 49 6.53 0.00 18.94
N ASN A 50 6.54 -1.23 19.49
CA ASN A 50 6.94 -1.38 20.89
C ASN A 50 8.28 -0.71 21.16
N GLU A 51 9.27 -0.95 20.31
CA GLU A 51 10.60 -0.40 20.60
C GLU A 51 10.63 1.13 20.51
N LEU A 52 9.83 1.72 19.63
CA LEU A 52 9.75 3.18 19.62
C LEU A 52 9.07 3.73 20.88
N VAL A 53 8.08 3.01 21.44
CA VAL A 53 7.51 3.42 22.72
C VAL A 53 8.62 3.50 23.75
N MET A 54 9.58 2.59 23.67
CA MET A 54 10.62 2.61 24.68
C MET A 54 11.67 3.68 24.41
N THR A 55 12.19 3.78 23.17
CA THR A 55 13.28 4.71 22.92
C THR A 55 12.83 6.15 22.80
N SER A 56 11.54 6.39 22.51
CA SER A 56 11.03 7.75 22.47
C SER A 56 10.84 8.35 23.85
N GLY A 57 10.96 7.53 24.90
CA GLY A 57 10.67 7.97 26.24
C GLY A 57 9.21 7.90 26.64
N GLN A 58 8.31 7.60 25.70
CA GLN A 58 6.89 7.51 26.06
C GLN A 58 6.65 6.50 27.18
N ILE A 59 7.49 5.46 27.28
CA ILE A 59 7.30 4.44 28.31
C ILE A 59 7.37 5.04 29.71
N ASP A 60 8.10 6.15 29.88
CA ASP A 60 8.22 6.81 31.17
C ASP A 60 6.92 7.48 31.63
N PHE A 61 5.98 7.67 30.71
CA PHE A 61 4.67 8.20 31.04
C PHE A 61 3.59 7.13 31.06
N LEU A 62 3.96 5.87 30.86
CA LEU A 62 3.02 4.78 30.77
C LEU A 62 3.14 3.87 31.98
N THR A 63 2.04 3.19 32.30
CA THR A 63 2.02 2.21 33.37
C THR A 63 2.03 0.84 32.74
N PRO A 64 3.15 0.12 32.79
CA PRO A 64 3.18 -1.21 32.16
C PRO A 64 2.20 -2.15 32.84
N ILE A 65 1.43 -2.85 32.02
CA ILE A 65 0.41 -3.77 32.49
C ILE A 65 0.77 -5.16 31.97
N LYS A 66 1.03 -6.09 32.88
CA LYS A 66 1.36 -7.44 32.47
C LYS A 66 0.11 -8.18 31.99
N PRO A 67 0.12 -8.76 30.80
CA PRO A 67 -1.03 -9.58 30.38
C PRO A 67 -0.96 -10.95 31.03
N TYR A 68 -2.14 -11.52 31.25
CA TYR A 68 -2.31 -12.89 31.71
C TYR A 68 -3.15 -13.64 30.70
N PRO A 69 -2.93 -14.94 30.54
CA PRO A 69 -3.67 -15.70 29.52
C PRO A 69 -5.16 -15.62 29.73
N ALA A 70 -5.90 -15.36 28.63
CA ALA A 70 -7.34 -15.61 28.63
C ALA A 70 -7.59 -17.11 28.81
N THR A 71 -8.68 -17.44 29.52
CA THR A 71 -9.06 -18.83 29.73
C THR A 71 -9.92 -19.34 28.59
N ASP A 72 -10.07 -20.67 28.51
CA ASP A 72 -10.98 -21.23 27.52
C ASP A 72 -12.37 -20.62 27.66
N ALA A 73 -12.77 -20.36 28.91
CA ALA A 73 -14.10 -19.80 29.14
C ALA A 73 -14.20 -18.40 28.58
N ASP A 74 -13.11 -17.62 28.66
CA ASP A 74 -13.13 -16.29 28.05
C ASP A 74 -13.33 -16.39 26.54
N ILE A 75 -12.66 -17.35 25.90
CA ILE A 75 -12.81 -17.51 24.46
C ILE A 75 -14.20 -18.02 24.11
N LEU A 76 -14.73 -18.95 24.90
CA LEU A 76 -16.01 -19.58 24.59
C LEU A 76 -17.18 -18.65 24.80
N ARG A 77 -16.94 -17.47 25.38
CA ARG A 77 -18.03 -16.49 25.48
C ARG A 77 -18.45 -15.99 24.11
N VAL A 78 -17.54 -15.99 23.13
CA VAL A 78 -17.88 -15.44 21.81
C VAL A 78 -17.57 -16.40 20.67
N HIS A 79 -16.75 -17.43 20.87
CA HIS A 79 -16.40 -18.37 19.81
C HIS A 79 -16.96 -19.75 20.09
N ASP A 80 -17.32 -20.45 19.01
CA ASP A 80 -17.69 -21.87 19.07
C ASP A 80 -16.58 -22.72 19.68
N LYS A 81 -16.99 -23.78 20.39
CA LYS A 81 -16.04 -24.77 20.86
C LYS A 81 -15.19 -25.34 19.72
N GLN A 82 -15.78 -25.52 18.53
CA GLN A 82 -15.02 -26.05 17.38
C GLN A 82 -13.87 -25.12 16.98
N LEU A 83 -14.11 -23.81 16.97
CA LEU A 83 -13.02 -22.88 16.69
C LEU A 83 -11.87 -23.09 17.65
N LEU A 84 -12.17 -23.17 18.95
CA LEU A 84 -11.14 -23.36 19.97
C LEU A 84 -10.49 -24.73 19.86
N ASP A 85 -11.29 -25.77 19.61
CA ASP A 85 -10.72 -27.11 19.41
C ASP A 85 -9.78 -27.13 18.20
N ASN A 86 -10.16 -26.48 17.11
CA ASN A 86 -9.27 -26.42 15.93
C ASN A 86 -7.96 -25.72 16.25
N ALA A 87 -8.01 -24.60 16.99
CA ALA A 87 -6.79 -23.89 17.34
C ALA A 87 -5.88 -24.74 18.22
N LYS A 88 -6.47 -25.48 19.16
CA LYS A 88 -5.67 -26.36 19.99
C LYS A 88 -5.02 -27.45 19.15
N ASN A 89 -5.77 -27.97 18.15
CA ASN A 89 -5.24 -29.08 17.36
C ASN A 89 -4.05 -28.63 16.51
N VAL A 90 -4.19 -27.49 15.83
CA VAL A 90 -3.11 -27.00 14.97
C VAL A 90 -1.91 -26.62 15.80
N SER A 91 -2.13 -25.90 16.91
CA SER A 91 -1.02 -25.50 17.76
C SER A 91 -0.25 -26.71 18.29
N ASN A 92 -0.94 -27.86 18.44
CA ASN A 92 -0.29 -29.07 18.92
C ASN A 92 0.54 -29.78 17.87
N LYS A 93 0.36 -29.48 16.58
CA LYS A 93 1.12 -30.18 15.55
C LYS A 93 2.61 -29.82 15.63
N GLU A 94 3.45 -30.78 15.22
CA GLU A 94 4.89 -30.61 15.37
C GLU A 94 5.39 -29.35 14.68
N CYS A 95 4.87 -29.05 13.50
CA CYS A 95 5.26 -27.86 12.75
C CYS A 95 4.19 -26.78 12.77
N GLY A 96 3.19 -26.90 13.64
CA GLY A 96 2.04 -26.00 13.57
C GLY A 96 1.34 -26.15 12.23
N GLY A 97 0.65 -25.10 11.80
CA GLY A 97 -0.01 -25.16 10.51
C GLY A 97 -0.95 -23.98 10.33
N ASP A 98 -1.54 -23.92 9.14
CA ASP A 98 -2.56 -22.91 8.87
C ASP A 98 -3.86 -23.31 9.57
N ILE A 99 -4.73 -22.32 9.75
CA ILE A 99 -5.99 -22.54 10.45
C ILE A 99 -7.02 -21.55 9.94
N GLY A 100 -8.24 -22.02 9.72
CA GLY A 100 -9.31 -21.14 9.29
C GLY A 100 -9.30 -20.81 7.82
N ASP A 101 -8.26 -20.11 7.36
CA ASP A 101 -8.14 -19.73 5.97
C ASP A 101 -6.69 -19.97 5.53
N ARG A 102 -6.35 -19.44 4.36
CA ARG A 102 -5.06 -19.75 3.75
C ARG A 102 -3.92 -18.85 4.22
N VAL A 103 -4.19 -17.82 5.02
CA VAL A 103 -3.13 -16.91 5.45
C VAL A 103 -2.89 -16.94 6.96
N THR A 104 -3.74 -17.58 7.75
CA THR A 104 -3.64 -17.53 9.20
C THR A 104 -2.89 -18.76 9.70
N HIS A 105 -1.81 -18.53 10.43
CA HIS A 105 -0.87 -19.59 10.75
C HIS A 105 -0.57 -19.61 12.25
N LEU A 106 -0.45 -20.82 12.79
CA LEU A 106 -0.02 -21.04 14.16
C LEU A 106 1.29 -21.82 14.13
N GLY A 107 2.30 -21.34 14.83
CA GLY A 107 3.45 -22.18 15.09
C GLY A 107 3.08 -23.27 16.07
N ASN A 108 3.99 -24.22 16.24
CA ASN A 108 3.85 -25.18 17.32
C ASN A 108 3.81 -24.44 18.65
N GLY A 109 2.75 -24.68 19.41
CA GLY A 109 2.54 -24.00 20.68
C GLY A 109 2.01 -22.59 20.56
N GLY A 110 1.76 -22.10 19.35
CA GLY A 110 1.34 -20.71 19.14
C GLY A 110 0.00 -20.33 19.75
N ILE A 111 -0.81 -21.32 20.17
CA ILE A 111 -2.06 -20.94 20.82
C ILE A 111 -1.78 -20.18 22.11
N GLU A 112 -0.62 -20.42 22.74
CA GLU A 112 -0.28 -19.67 23.94
C GLU A 112 -0.26 -18.17 23.66
N ILE A 113 0.27 -17.77 22.50
CA ILE A 113 0.30 -16.34 22.21
C ILE A 113 -1.11 -15.83 21.98
N ALA A 114 -1.95 -16.62 21.32
CA ALA A 114 -3.34 -16.23 21.10
C ALA A 114 -4.10 -16.05 22.42
N TYR A 115 -3.91 -16.97 23.38
CA TYR A 115 -4.51 -16.77 24.71
C TYR A 115 -3.99 -15.48 25.35
N LEU A 116 -2.70 -15.19 25.17
CA LEU A 116 -2.11 -14.06 25.86
C LEU A 116 -2.50 -12.74 25.21
N SER A 117 -2.79 -12.77 23.92
CA SER A 117 -3.27 -11.58 23.22
C SER A 117 -4.66 -11.20 23.70
N ALA A 118 -5.57 -12.16 23.71
CA ALA A 118 -6.91 -11.93 24.27
C ALA A 118 -6.81 -11.55 25.73
N GLY A 119 -5.93 -12.21 26.48
CA GLY A 119 -5.78 -11.88 27.90
C GLY A 119 -5.25 -10.48 28.14
N GLY A 120 -4.42 -9.96 27.23
CA GLY A 120 -3.95 -8.60 27.36
C GLY A 120 -5.07 -7.60 27.21
N ALA A 121 -6.00 -7.85 26.29
CA ALA A 121 -7.14 -6.96 26.14
C ALA A 121 -8.04 -7.04 27.38
N ILE A 122 -8.20 -8.23 27.94
CA ILE A 122 -8.99 -8.37 29.17
C ILE A 122 -8.32 -7.62 30.32
N GLU A 123 -7.00 -7.75 30.46
CA GLU A 123 -6.33 -7.08 31.58
C GLU A 123 -6.47 -5.57 31.51
N LEU A 124 -6.35 -5.00 30.30
CA LEU A 124 -6.54 -3.57 30.18
C LEU A 124 -7.98 -3.17 30.48
N THR A 125 -8.94 -3.97 30.01
CA THR A 125 -10.35 -3.72 30.27
C THR A 125 -10.63 -3.71 31.77
N LYS A 126 -10.14 -4.73 32.48
CA LYS A 126 -10.32 -4.79 33.93
C LYS A 126 -9.78 -3.55 34.60
N LYS A 127 -8.54 -3.17 34.27
CA LYS A 127 -7.93 -2.08 35.01
C LYS A 127 -8.52 -0.72 34.63
N VAL A 128 -9.10 -0.58 33.44
CA VAL A 128 -9.77 0.67 33.10
C VAL A 128 -11.10 0.76 33.82
N ILE A 129 -11.90 -0.32 33.77
CA ILE A 129 -13.23 -0.32 34.40
C ILE A 129 -13.09 -0.11 35.90
N SER A 130 -12.07 -0.70 36.53
CA SER A 130 -11.88 -0.57 37.96
C SER A 130 -11.47 0.84 38.38
N GLY A 131 -10.99 1.66 37.45
CA GLY A 131 -10.44 2.96 37.77
C GLY A 131 -8.96 2.96 38.10
N GLU A 132 -8.30 1.79 38.07
CA GLU A 132 -6.86 1.74 38.27
C GLU A 132 -6.13 2.53 37.21
N LEU A 133 -6.64 2.48 35.97
CA LEU A 133 -6.11 3.21 34.83
C LEU A 133 -7.20 4.11 34.29
N HIS A 134 -6.81 5.27 33.75
CA HIS A 134 -7.79 6.09 33.03
C HIS A 134 -8.07 5.53 31.64
N THR A 135 -7.04 5.09 30.94
CA THR A 135 -7.15 4.53 29.60
C THR A 135 -5.86 3.77 29.34
N GLY A 136 -5.68 3.31 28.11
CA GLY A 136 -4.42 2.66 27.82
C GLY A 136 -4.43 1.99 26.46
N TYR A 137 -3.29 1.38 26.14
CA TYR A 137 -3.09 0.79 24.83
C TYR A 137 -2.54 -0.62 25.01
N ALA A 138 -3.18 -1.60 24.39
CA ALA A 138 -2.72 -3.00 24.45
C ALA A 138 -2.10 -3.33 23.11
N LEU A 139 -0.77 -3.45 23.07
CA LEU A 139 -0.06 -3.76 21.82
C LEU A 139 0.07 -5.27 21.68
N VAL A 140 -1.07 -5.91 21.47
CA VAL A 140 -1.17 -7.37 21.42
C VAL A 140 -0.96 -7.86 19.99
N SER A 141 -0.50 -9.10 19.87
CA SER A 141 -0.48 -9.89 18.65
C SER A 141 -0.74 -11.31 19.11
N PRO A 142 -1.49 -12.12 18.36
CA PRO A 142 -2.11 -11.85 17.05
C PRO A 142 -3.34 -10.94 17.16
N PRO A 143 -3.81 -10.38 16.04
CA PRO A 143 -5.00 -9.52 16.03
C PRO A 143 -6.27 -10.34 16.14
N GLY A 144 -7.41 -9.65 16.11
CA GLY A 144 -8.65 -10.31 16.44
C GLY A 144 -9.86 -10.07 15.57
N HIS A 145 -9.95 -8.95 14.85
CA HIS A 145 -11.29 -8.53 14.45
C HIS A 145 -11.92 -9.35 13.32
N HIS A 146 -11.17 -10.21 12.62
CA HIS A 146 -11.78 -11.04 11.58
C HIS A 146 -12.31 -12.37 12.11
N ALA A 147 -11.97 -12.74 13.35
CA ALA A 147 -12.41 -13.99 13.90
C ALA A 147 -13.89 -13.89 14.25
N THR A 148 -14.68 -14.76 13.62
CA THR A 148 -16.12 -14.82 13.81
C THR A 148 -16.47 -15.81 14.91
N LYS A 149 -17.77 -16.03 15.14
CA LYS A 149 -18.15 -17.08 16.08
C LYS A 149 -17.53 -18.41 15.67
N LYS A 150 -17.47 -18.67 14.37
CA LYS A 150 -17.15 -20.01 13.88
C LYS A 150 -15.75 -20.16 13.33
N ASP A 151 -15.10 -19.09 12.87
CA ASP A 151 -13.84 -19.27 12.14
C ASP A 151 -12.79 -18.25 12.57
N SER A 152 -11.57 -18.72 12.80
CA SER A 152 -10.41 -17.85 12.72
C SER A 152 -10.14 -17.48 11.24
N MET A 153 -9.55 -16.31 11.01
CA MET A 153 -9.20 -15.92 9.64
C MET A 153 -8.45 -14.59 9.67
N GLY A 154 -7.84 -14.27 8.53
CA GLY A 154 -7.20 -12.97 8.37
C GLY A 154 -6.17 -12.65 9.43
N PHE A 155 -5.34 -13.62 9.78
CA PHE A 155 -4.31 -13.54 10.84
C PHE A 155 -4.90 -13.58 12.24
N CYS A 156 -6.22 -13.64 12.39
CA CYS A 156 -6.88 -13.53 13.69
C CYS A 156 -7.30 -14.92 14.18
N ILE A 157 -6.75 -15.32 15.32
CA ILE A 157 -7.15 -16.60 15.92
C ILE A 157 -8.44 -16.42 16.74
N PHE A 158 -8.41 -15.48 17.68
CA PHE A 158 -9.52 -15.18 18.58
C PHE A 158 -9.83 -13.69 18.45
N ASN A 159 -11.07 -13.32 18.71
CA ASN A 159 -11.46 -11.92 18.53
C ASN A 159 -11.23 -11.20 19.86
N ASN A 160 -10.05 -10.59 20.01
CA ASN A 160 -9.62 -10.00 21.29
C ASN A 160 -10.58 -8.95 21.81
N THR A 161 -11.02 -8.01 20.96
CA THR A 161 -11.87 -6.94 21.48
C THR A 161 -13.26 -7.46 21.88
N SER A 162 -13.79 -8.43 21.13
CA SER A 162 -15.09 -9.02 21.49
C SER A 162 -14.98 -9.86 22.76
N ILE A 163 -13.85 -10.54 22.94
CA ILE A 163 -13.61 -11.30 24.17
C ILE A 163 -13.53 -10.36 25.36
N ALA A 164 -12.90 -9.19 25.16
CA ALA A 164 -12.85 -8.17 26.21
C ALA A 164 -14.24 -7.61 26.50
N ALA A 165 -15.02 -7.30 25.45
CA ALA A 165 -16.36 -6.76 25.67
C ALA A 165 -17.24 -7.75 26.41
N ALA A 166 -17.17 -9.03 26.02
CA ALA A 166 -18.00 -10.04 26.68
C ALA A 166 -17.58 -10.20 28.15
N TYR A 167 -16.28 -10.13 28.41
CA TYR A 167 -15.77 -10.15 29.78
C TYR A 167 -16.34 -8.98 30.59
N ALA A 168 -16.27 -7.79 30.01
CA ALA A 168 -16.78 -6.60 30.69
C ALA A 168 -18.27 -6.75 31.00
N LYS A 169 -19.04 -7.33 30.05
CA LYS A 169 -20.46 -7.58 30.27
C LYS A 169 -20.70 -8.65 31.34
N ASP A 170 -20.08 -9.82 31.16
CA ASP A 170 -20.41 -10.99 31.96
C ASP A 170 -19.84 -10.88 33.38
N ILE A 171 -18.62 -10.37 33.51
CA ILE A 171 -17.88 -10.43 34.76
C ILE A 171 -17.85 -9.09 35.48
N LEU A 172 -17.80 -7.99 34.71
CA LEU A 172 -17.66 -6.66 35.30
C LEU A 172 -18.97 -5.88 35.34
N GLY A 173 -20.07 -6.47 34.86
CA GLY A 173 -21.40 -5.91 35.04
C GLY A 173 -21.87 -4.89 34.03
N LEU A 174 -21.16 -4.72 32.91
CA LEU A 174 -21.55 -3.68 31.98
C LEU A 174 -22.72 -4.13 31.12
N LYS A 175 -23.59 -3.18 30.76
CA LYS A 175 -24.76 -3.46 29.94
C LYS A 175 -24.62 -2.99 28.50
N ARG A 176 -23.80 -1.98 28.22
CA ARG A 176 -23.59 -1.42 26.89
C ARG A 176 -22.10 -1.19 26.68
N VAL A 177 -21.57 -1.76 25.61
CA VAL A 177 -20.18 -1.58 25.20
C VAL A 177 -20.18 -1.18 23.74
N ALA A 178 -19.25 -0.33 23.34
CA ALA A 178 -19.07 -0.04 21.92
C ALA A 178 -17.68 -0.47 21.51
N ILE A 179 -17.57 -1.16 20.37
CA ILE A 179 -16.29 -1.48 19.75
C ILE A 179 -16.19 -0.63 18.50
N VAL A 180 -15.17 0.21 18.44
CA VAL A 180 -14.92 1.09 17.29
C VAL A 180 -13.63 0.60 16.64
N ASP A 181 -13.75 0.15 15.41
CA ASP A 181 -12.67 -0.56 14.71
C ASP A 181 -12.16 0.32 13.58
N TRP A 182 -10.93 0.88 13.73
CA TRP A 182 -10.37 1.73 12.67
C TRP A 182 -9.21 1.08 11.94
N ASP A 183 -8.96 -0.20 12.14
CA ASP A 183 -8.19 -0.96 11.17
C ASP A 183 -8.81 -0.77 9.79
N VAL A 184 -7.97 -0.68 8.74
CA VAL A 184 -8.47 -0.33 7.40
C VAL A 184 -9.32 -1.44 6.77
N HIS A 185 -9.32 -2.63 7.37
CA HIS A 185 -10.11 -3.75 6.89
C HIS A 185 -11.38 -3.90 7.72
N HIS A 186 -12.38 -4.55 7.13
CA HIS A 186 -13.67 -4.66 7.80
C HIS A 186 -13.59 -5.63 8.96
N GLY A 187 -14.12 -5.21 10.12
CA GLY A 187 -14.18 -6.07 11.27
C GLY A 187 -15.34 -7.05 11.19
N ASN A 188 -15.27 -7.97 10.23
CA ASN A 188 -16.38 -8.89 9.99
C ASN A 188 -16.58 -9.86 11.15
N GLY A 189 -15.49 -10.24 11.84
CA GLY A 189 -15.63 -11.12 12.98
C GLY A 189 -16.45 -10.48 14.09
N THR A 190 -16.10 -9.23 14.44
CA THR A 190 -16.83 -8.49 15.46
C THR A 190 -18.27 -8.26 15.04
N GLN A 191 -18.48 -7.92 13.76
CA GLN A 191 -19.83 -7.72 13.26
C GLN A 191 -20.66 -8.98 13.42
N ASP A 192 -20.09 -10.13 13.08
CA ASP A 192 -20.80 -11.40 13.20
C ASP A 192 -21.14 -11.75 14.64
N ILE A 193 -20.17 -11.57 15.55
CA ILE A 193 -20.35 -12.02 16.93
C ILE A 193 -21.54 -11.31 17.57
N TRP A 194 -21.65 -10.00 17.35
CA TRP A 194 -22.66 -9.18 18.00
C TRP A 194 -23.83 -8.85 17.08
N TRP A 195 -23.94 -9.55 15.94
CA TRP A 195 -24.89 -9.21 14.89
C TRP A 195 -26.31 -9.02 15.42
N GLU A 196 -26.75 -9.90 16.31
CA GLU A 196 -28.12 -9.86 16.82
C GLU A 196 -28.21 -9.28 18.23
N ASP A 197 -27.24 -8.45 18.63
CA ASP A 197 -27.08 -8.04 20.02
C ASP A 197 -26.97 -6.52 20.10
N SER A 198 -27.97 -5.86 20.69
CA SER A 198 -27.88 -4.42 20.86
C SER A 198 -26.98 -4.01 22.03
N SER A 199 -26.50 -4.96 22.83
CA SER A 199 -25.69 -4.60 24.00
C SER A 199 -24.23 -4.34 23.62
N VAL A 200 -23.83 -4.62 22.39
CA VAL A 200 -22.51 -4.20 21.91
C VAL A 200 -22.73 -3.50 20.58
N LEU A 201 -22.55 -2.18 20.57
CA LEU A 201 -22.57 -1.40 19.34
C LEU A 201 -21.24 -1.61 18.61
N THR A 202 -21.31 -2.10 17.38
CA THR A 202 -20.12 -2.44 16.61
C THR A 202 -20.03 -1.49 15.40
N ILE A 203 -18.92 -0.77 15.33
CA ILE A 203 -18.66 0.22 14.28
C ILE A 203 -17.36 -0.14 13.61
N SER A 204 -17.38 -0.21 12.28
CA SER A 204 -16.17 -0.46 11.50
C SER A 204 -16.05 0.60 10.43
N ILE A 205 -14.93 1.30 10.43
CA ILE A 205 -14.55 2.19 9.33
C ILE A 205 -13.40 1.51 8.60
N HIS A 206 -13.50 1.46 7.28
CA HIS A 206 -12.57 0.64 6.52
C HIS A 206 -12.64 1.04 5.05
N GLN A 207 -11.63 0.59 4.30
CA GLN A 207 -11.66 0.74 2.85
C GLN A 207 -12.70 -0.20 2.27
N ASN A 208 -13.65 0.37 1.53
CA ASN A 208 -14.69 -0.43 0.89
C ASN A 208 -14.06 -1.56 0.07
N LYS A 209 -14.54 -2.78 0.31
CA LYS A 209 -14.19 -3.98 -0.47
C LYS A 209 -12.71 -4.35 -0.37
N CYS A 210 -12.04 -4.03 0.71
CA CYS A 210 -10.60 -4.33 0.81
C CYS A 210 -10.40 -5.75 1.34
N PHE A 211 -10.78 -5.99 2.59
CA PHE A 211 -10.75 -7.35 3.10
C PHE A 211 -11.66 -7.47 4.32
N PRO A 212 -12.59 -8.45 4.34
CA PRO A 212 -12.98 -9.35 3.24
C PRO A 212 -13.58 -8.56 2.09
N THR A 213 -13.42 -9.03 0.85
CA THR A 213 -13.90 -8.25 -0.29
C THR A 213 -15.41 -8.23 -0.38
N ASN A 214 -16.08 -9.11 0.36
CA ASN A 214 -17.51 -9.31 0.22
C ASN A 214 -18.30 -8.87 1.45
N SER A 215 -17.73 -8.01 2.30
CA SER A 215 -18.47 -7.54 3.46
C SER A 215 -18.07 -6.11 3.77
N GLY A 216 -18.70 -5.56 4.79
CA GLY A 216 -18.41 -4.22 5.23
C GLY A 216 -19.30 -3.16 4.62
N PHE A 217 -20.38 -3.57 3.97
CA PHE A 217 -21.21 -2.61 3.25
C PHE A 217 -22.19 -1.91 4.19
N ILE A 218 -22.70 -0.78 3.71
CA ILE A 218 -23.45 0.10 4.60
C ILE A 218 -24.81 -0.49 4.96
N ASN A 219 -25.33 -1.43 4.18
CA ASN A 219 -26.62 -2.01 4.52
C ASN A 219 -26.50 -3.27 5.39
N GLU A 220 -25.31 -3.57 5.93
CA GLU A 220 -25.12 -4.60 6.96
C GLU A 220 -25.30 -3.93 8.33
N ARG A 221 -26.48 -4.07 8.93
CA ARG A 221 -26.85 -3.23 10.06
C ARG A 221 -27.26 -4.02 11.29
N GLY A 222 -27.04 -5.33 11.29
CA GLY A 222 -27.50 -6.18 12.37
C GLY A 222 -28.86 -6.77 12.05
N ALA A 223 -29.33 -7.63 12.97
CA ALA A 223 -30.60 -8.30 12.79
C ALA A 223 -31.28 -8.49 14.14
N GLY A 224 -32.60 -8.57 14.12
CA GLY A 224 -33.31 -8.82 15.37
C GLY A 224 -33.12 -7.70 16.37
N ASN A 225 -32.85 -8.08 17.62
CA ASN A 225 -32.58 -7.09 18.66
C ASN A 225 -31.37 -6.24 18.29
N GLY A 226 -30.51 -6.73 17.42
CA GLY A 226 -29.32 -6.02 17.01
C GLY A 226 -29.49 -5.11 15.83
N PHE A 227 -30.69 -5.00 15.26
CA PHE A 227 -30.83 -4.17 14.08
C PHE A 227 -30.59 -2.70 14.41
N GLY A 228 -29.68 -2.09 13.66
CA GLY A 228 -29.26 -0.73 13.88
C GLY A 228 -28.08 -0.58 14.82
N TYR A 229 -27.53 -1.70 15.33
CA TYR A 229 -26.45 -1.67 16.30
C TYR A 229 -25.15 -2.25 15.73
N ASN A 230 -25.06 -2.28 14.40
CA ASN A 230 -23.83 -2.46 13.65
C ASN A 230 -23.78 -1.35 12.60
N LEU A 231 -22.64 -0.66 12.50
CA LEU A 231 -22.54 0.47 11.59
C LEU A 231 -21.23 0.40 10.82
N ASN A 232 -21.31 0.23 9.50
CA ASN A 232 -20.13 0.16 8.63
C ASN A 232 -19.95 1.48 7.89
N ILE A 233 -18.71 1.97 7.83
CA ILE A 233 -18.34 3.16 7.07
C ILE A 233 -17.34 2.75 6.01
N PRO A 234 -17.81 2.38 4.82
CA PRO A 234 -16.92 1.88 3.75
C PRO A 234 -16.39 3.00 2.88
N LEU A 235 -15.25 3.56 3.25
CA LEU A 235 -14.70 4.72 2.57
C LEU A 235 -14.04 4.29 1.25
N PRO A 236 -13.98 5.20 0.26
CA PRO A 236 -13.35 4.83 -1.02
C PRO A 236 -11.83 4.77 -0.90
N PRO A 237 -11.17 3.95 -1.71
CA PRO A 237 -9.70 4.01 -1.80
C PRO A 237 -9.21 5.43 -2.03
N GLY A 238 -8.03 5.72 -1.50
CA GLY A 238 -7.46 7.04 -1.58
C GLY A 238 -7.90 8.01 -0.51
N SER A 239 -8.86 7.63 0.35
CA SER A 239 -9.26 8.52 1.45
C SER A 239 -8.11 8.70 2.42
N GLY A 240 -7.96 9.90 2.96
CA GLY A 240 -6.97 10.19 3.98
C GLY A 240 -7.56 10.91 5.17
N ASN A 241 -6.74 11.78 5.78
CA ASN A 241 -7.14 12.43 7.04
C ASN A 241 -8.48 13.16 6.88
N GLY A 242 -8.72 13.76 5.72
CA GLY A 242 -9.95 14.54 5.57
C GLY A 242 -11.20 13.69 5.74
N ALA A 243 -11.25 12.57 5.03
CA ALA A 243 -12.38 11.66 5.11
C ALA A 243 -12.46 11.00 6.48
N TYR A 244 -11.31 10.63 7.06
CA TYR A 244 -11.34 9.91 8.31
C TYR A 244 -11.82 10.82 9.44
N ILE A 245 -11.25 12.01 9.53
CA ILE A 245 -11.66 12.91 10.60
C ILE A 245 -13.12 13.30 10.43
N TYR A 246 -13.56 13.52 9.19
CA TYR A 246 -14.97 13.83 8.95
C TYR A 246 -15.88 12.67 9.36
N ALA A 247 -15.50 11.43 9.05
CA ALA A 247 -16.29 10.28 9.48
C ALA A 247 -16.36 10.18 11.00
N PHE A 248 -15.25 10.49 11.70
CA PHE A 248 -15.27 10.40 13.15
C PHE A 248 -16.15 11.51 13.75
N GLU A 249 -16.11 12.70 13.16
CA GLU A 249 -16.87 13.82 13.71
C GLU A 249 -18.35 13.76 13.32
N LYS A 250 -18.64 13.29 12.12
CA LYS A 250 -20.02 13.27 11.64
C LYS A 250 -20.77 11.98 11.97
N VAL A 251 -20.06 10.87 12.19
CA VAL A 251 -20.76 9.59 12.36
C VAL A 251 -20.36 8.93 13.67
N ILE A 252 -19.06 8.68 13.85
CA ILE A 252 -18.66 7.81 14.96
C ILE A 252 -18.92 8.49 16.31
N VAL A 253 -18.45 9.72 16.48
CA VAL A 253 -18.72 10.44 17.74
C VAL A 253 -20.22 10.60 17.99
N PRO A 254 -21.03 11.08 17.05
CA PRO A 254 -22.47 11.17 17.32
C PRO A 254 -23.13 9.83 17.61
N ALA A 255 -22.69 8.76 16.94
CA ALA A 255 -23.23 7.44 17.22
C ALA A 255 -22.92 7.00 18.65
N LEU A 256 -21.70 7.26 19.11
CA LEU A 256 -21.35 6.91 20.48
C LEU A 256 -22.16 7.72 21.48
N LYS A 257 -22.35 9.00 21.22
CA LYS A 257 -23.14 9.83 22.14
C LYS A 257 -24.57 9.35 22.23
N LYS A 258 -25.14 8.94 21.11
CA LYS A 258 -26.50 8.42 21.10
C LYS A 258 -26.59 7.10 21.88
N TYR A 259 -25.60 6.23 21.70
CA TYR A 259 -25.65 4.90 22.28
C TYR A 259 -25.38 4.90 23.78
N GLU A 260 -24.56 5.83 24.25
CA GLU A 260 -24.11 5.97 25.63
C GLU A 260 -23.42 4.70 26.15
N PRO A 261 -22.37 4.22 25.50
CA PRO A 261 -21.68 3.02 26.00
C PRO A 261 -21.01 3.26 27.35
N GLU A 262 -21.01 2.22 28.18
CA GLU A 262 -20.29 2.27 29.44
C GLU A 262 -18.79 2.07 29.24
N LEU A 263 -18.40 1.58 28.07
CA LEU A 263 -16.99 1.31 27.76
C LEU A 263 -16.86 1.42 26.26
N ILE A 264 -15.75 2.01 25.80
CA ILE A 264 -15.44 2.08 24.38
C ILE A 264 -14.15 1.33 24.18
N ILE A 265 -14.19 0.27 23.41
CA ILE A 265 -13.00 -0.48 23.03
C ILE A 265 -12.68 -0.14 21.59
N VAL A 266 -11.48 0.38 21.34
CA VAL A 266 -11.07 0.71 19.98
C VAL A 266 -10.22 -0.44 19.45
N GLY A 267 -10.61 -0.98 18.30
CA GLY A 267 -9.73 -1.85 17.55
C GLY A 267 -8.78 -1.00 16.70
N SER A 268 -7.55 -0.81 17.18
CA SER A 268 -6.61 0.16 16.61
C SER A 268 -5.61 -0.53 15.66
N GLY A 269 -5.92 -0.53 14.36
CA GLY A 269 -4.95 -0.88 13.34
C GLY A 269 -4.37 0.39 12.72
N PHE A 270 -3.23 0.25 12.05
CA PHE A 270 -2.61 1.38 11.36
C PHE A 270 -2.37 1.09 9.89
N ASP A 271 -3.09 0.11 9.36
CA ASP A 271 -2.98 -0.20 7.95
C ASP A 271 -3.76 0.76 7.07
N ALA A 272 -4.47 1.72 7.62
CA ALA A 272 -4.95 2.82 6.78
C ALA A 272 -3.86 3.85 6.49
N SER A 273 -2.64 3.66 6.98
CA SER A 273 -1.59 4.64 6.76
C SER A 273 -1.17 4.71 5.30
N ILE A 274 -0.65 5.87 4.92
CA ILE A 274 -0.26 6.19 3.56
C ILE A 274 0.79 5.25 2.99
N LEU A 275 1.56 4.54 3.83
CA LEU A 275 2.58 3.62 3.33
C LEU A 275 2.19 2.15 3.50
N ASP A 276 1.01 1.85 3.95
CA ASP A 276 0.71 0.44 4.16
C ASP A 276 0.43 -0.27 2.84
N PRO A 277 1.05 -1.43 2.60
CA PRO A 277 0.78 -2.17 1.36
C PRO A 277 -0.62 -2.76 1.27
N LEU A 278 -1.31 -2.98 2.38
CA LEU A 278 -2.56 -3.71 2.39
C LEU A 278 -3.77 -2.78 2.34
N SER A 279 -3.57 -1.53 2.02
CA SER A 279 -4.70 -0.66 1.74
C SER A 279 -4.25 0.39 0.74
N ARG A 280 -5.21 1.15 0.24
CA ARG A 280 -4.93 2.31 -0.59
C ARG A 280 -5.30 3.62 0.13
N MET A 281 -5.24 3.64 1.47
CA MET A 281 -5.73 4.79 2.21
C MET A 281 -4.53 5.68 2.53
N MET A 282 -4.80 6.92 2.95
CA MET A 282 -3.73 7.90 3.05
C MET A 282 -3.65 8.58 4.42
N VAL A 283 -3.96 7.85 5.48
CA VAL A 283 -3.94 8.46 6.81
C VAL A 283 -2.50 8.68 7.26
N SER A 284 -2.25 9.82 7.90
CA SER A 284 -0.94 10.09 8.47
C SER A 284 -0.99 9.92 9.98
N SER A 285 0.18 10.07 10.62
CA SER A 285 0.25 10.01 12.07
C SER A 285 -0.64 11.07 12.69
N GLU A 286 -0.74 12.23 12.03
CA GLU A 286 -1.61 13.28 12.52
C GLU A 286 -3.08 12.89 12.45
N GLY A 287 -3.47 12.14 11.42
CA GLY A 287 -4.82 11.61 11.37
C GLY A 287 -5.11 10.67 12.52
N PHE A 288 -4.18 9.74 12.80
CA PHE A 288 -4.40 8.79 13.88
C PHE A 288 -4.42 9.48 15.24
N LYS A 289 -3.57 10.49 15.41
CA LYS A 289 -3.61 11.27 16.64
C LYS A 289 -4.99 11.87 16.85
N LYS A 290 -5.58 12.44 15.79
CA LYS A 290 -6.89 13.09 15.91
C LYS A 290 -7.98 12.06 16.17
N MET A 291 -7.91 10.91 15.48
CA MET A 291 -8.89 9.85 15.72
C MET A 291 -8.86 9.43 17.19
N ALA A 292 -7.66 9.22 17.73
CA ALA A 292 -7.55 8.82 19.12
C ALA A 292 -8.09 9.89 20.03
N SER A 293 -7.76 11.16 19.75
CA SER A 293 -8.18 12.27 20.61
C SER A 293 -9.68 12.43 20.61
N LEU A 294 -10.31 12.23 19.44
CA LEU A 294 -11.77 12.34 19.37
C LEU A 294 -12.45 11.27 20.21
N ILE A 295 -11.89 10.06 20.21
CA ILE A 295 -12.45 9.00 21.05
C ILE A 295 -12.23 9.32 22.53
N LEU A 296 -11.02 9.76 22.90
CA LEU A 296 -10.78 10.10 24.30
C LEU A 296 -11.72 11.20 24.75
N GLU A 297 -11.94 12.20 23.91
CA GLU A 297 -12.81 13.32 24.27
C GLU A 297 -14.25 12.87 24.45
N VAL A 298 -14.78 12.09 23.51
CA VAL A 298 -16.18 11.71 23.65
C VAL A 298 -16.34 10.74 24.80
N SER A 299 -15.31 9.92 25.07
CA SER A 299 -15.36 9.03 26.22
C SER A 299 -15.42 9.82 27.52
N ASN A 300 -14.61 10.89 27.63
CA ASN A 300 -14.66 11.73 28.82
C ASN A 300 -16.04 12.37 28.98
N GLU A 301 -16.68 12.70 27.86
CA GLU A 301 -17.98 13.37 27.89
C GLU A 301 -19.09 12.44 28.33
N ILE A 302 -19.05 11.17 27.93
CA ILE A 302 -20.25 10.33 28.09
C ILE A 302 -20.10 9.21 29.10
N ASN A 303 -18.87 8.78 29.45
CA ASN A 303 -18.76 7.72 30.45
C ASN A 303 -17.56 7.89 31.38
N GLY A 304 -17.05 9.11 31.55
CA GLY A 304 -15.92 9.31 32.45
C GLY A 304 -14.61 8.77 31.95
N GLY A 305 -14.40 8.77 30.64
CA GLY A 305 -13.12 8.36 30.08
C GLY A 305 -12.88 6.88 29.98
N LYS A 306 -13.92 6.05 30.06
CA LYS A 306 -13.74 4.60 30.06
C LYS A 306 -13.54 4.15 28.62
N CYS A 307 -12.28 4.19 28.17
CA CYS A 307 -11.99 3.75 26.82
C CYS A 307 -10.59 3.16 26.81
N LEU A 308 -10.31 2.36 25.78
CA LEU A 308 -9.03 1.67 25.69
C LEU A 308 -8.85 1.24 24.25
N PHE A 309 -7.59 0.97 23.88
CA PHE A 309 -7.21 0.72 22.50
C PHE A 309 -6.45 -0.58 22.43
N VAL A 310 -6.79 -1.41 21.44
CA VAL A 310 -6.25 -2.76 21.29
C VAL A 310 -5.75 -2.93 19.86
N GLN A 311 -4.52 -3.43 19.72
CA GLN A 311 -3.86 -3.42 18.43
C GLN A 311 -4.56 -4.40 17.48
N GLU A 312 -4.81 -3.94 16.26
CA GLU A 312 -5.23 -4.82 15.17
C GLU A 312 -4.09 -4.86 14.15
N GLY A 313 -4.35 -4.53 12.88
CA GLY A 313 -3.34 -4.73 11.84
C GLY A 313 -2.40 -3.55 11.63
N GLY A 314 -1.55 -3.71 10.62
CA GLY A 314 -0.62 -2.67 10.17
C GLY A 314 0.66 -3.29 9.66
N TYR A 315 1.19 -2.82 8.52
CA TYR A 315 2.21 -3.58 7.80
C TYR A 315 3.37 -2.73 7.27
N SER A 316 3.46 -1.45 7.64
CA SER A 316 4.59 -0.62 7.26
C SER A 316 5.61 -0.58 8.39
N PRO A 317 6.74 -1.27 8.28
CA PRO A 317 7.74 -1.16 9.36
C PRO A 317 8.34 0.24 9.47
N HIS A 318 8.41 0.98 8.36
CA HIS A 318 8.90 2.36 8.38
C HIS A 318 7.97 3.27 9.17
N TYR A 319 6.67 3.23 8.86
CA TYR A 319 5.78 4.29 9.31
C TYR A 319 4.81 3.88 10.42
N LEU A 320 4.42 2.61 10.52
CA LEU A 320 3.54 2.21 11.61
C LEU A 320 4.06 2.61 12.99
N PRO A 321 5.36 2.51 13.31
CA PRO A 321 5.79 2.95 14.64
C PRO A 321 5.43 4.39 14.93
N PHE A 322 5.48 5.27 13.93
CA PHE A 322 5.18 6.68 14.18
C PHE A 322 3.68 6.95 14.25
N CYS A 323 2.90 6.18 13.52
CA CYS A 323 1.45 6.21 13.67
C CYS A 323 1.01 5.71 15.05
N GLY A 324 1.60 4.61 15.51
CA GLY A 324 1.26 4.11 16.82
C GLY A 324 1.71 5.05 17.91
N LEU A 325 2.92 5.61 17.77
CA LEU A 325 3.39 6.57 18.77
C LEU A 325 2.46 7.77 18.86
N ALA A 326 1.93 8.20 17.71
CA ALA A 326 1.04 9.36 17.74
C ALA A 326 -0.18 9.09 18.59
N VAL A 327 -0.73 7.87 18.51
CA VAL A 327 -1.85 7.51 19.38
C VAL A 327 -1.39 7.48 20.83
N ILE A 328 -0.26 6.84 21.11
CA ILE A 328 0.30 6.81 22.48
C ILE A 328 0.44 8.23 23.04
N GLU A 329 0.96 9.17 22.23
CA GLU A 329 1.15 10.53 22.71
C GLU A 329 -0.17 11.25 22.95
N ALA A 330 -1.19 10.91 22.14
CA ALA A 330 -2.52 11.42 22.40
C ALA A 330 -3.03 10.97 23.76
N LEU A 331 -2.70 9.75 24.17
CA LEU A 331 -3.10 9.25 25.49
C LEU A 331 -2.28 9.87 26.62
N THR A 332 -0.98 10.05 26.42
CA THR A 332 -0.15 10.50 27.54
C THR A 332 -0.13 12.01 27.71
N GLY A 333 -0.51 12.75 26.67
CA GLY A 333 -0.40 14.20 26.66
C GLY A 333 1.00 14.71 26.47
N MET A 334 1.93 13.84 26.12
CA MET A 334 3.36 14.12 26.10
C MET A 334 3.80 13.98 24.64
N HIS A 335 4.02 15.08 23.94
CA HIS A 335 4.57 15.01 22.58
C HIS A 335 6.08 15.08 22.70
N THR A 336 6.74 13.93 22.64
CA THR A 336 8.19 13.88 22.82
C THR A 336 8.96 13.71 21.52
N LEU A 337 8.28 13.39 20.42
CA LEU A 337 8.95 13.00 19.20
C LEU A 337 8.13 13.45 18.01
N ASP A 338 8.80 13.97 16.99
CA ASP A 338 8.15 14.42 15.78
C ASP A 338 8.02 13.26 14.81
N ASP A 339 6.95 13.27 14.03
CA ASP A 339 6.84 12.33 12.91
C ASP A 339 7.76 12.80 11.80
N PRO A 340 8.81 12.04 11.44
CA PRO A 340 9.77 12.54 10.45
C PRO A 340 9.26 12.55 9.01
N LEU A 341 8.10 11.95 8.72
CA LEU A 341 7.52 11.95 7.37
C LEU A 341 6.47 13.03 7.18
N ILE A 342 6.15 13.78 8.22
CA ILE A 342 4.94 14.59 8.18
C ILE A 342 5.02 15.63 7.07
N ASP A 343 6.22 16.18 6.84
CA ASP A 343 6.36 17.23 5.82
C ASP A 343 6.31 16.68 4.40
N MET A 344 6.60 15.40 4.21
CA MET A 344 6.43 14.82 2.89
C MET A 344 5.03 14.23 2.72
N VAL A 345 4.53 13.48 3.72
CA VAL A 345 3.22 12.86 3.59
C VAL A 345 2.12 13.91 3.49
N GLY A 346 2.30 15.06 4.15
CA GLY A 346 1.25 16.05 4.19
C GLY A 346 0.95 16.71 2.86
N GLU A 347 1.89 16.65 1.93
CA GLU A 347 1.70 17.28 0.62
C GLU A 347 1.18 16.31 -0.42
N MET A 348 0.94 15.07 -0.03
CA MET A 348 0.66 14.04 -1.01
C MET A 348 -0.83 13.91 -1.30
N GLY A 349 -1.67 14.65 -0.58
CA GLY A 349 -3.11 14.49 -0.70
C GLY A 349 -3.68 13.63 0.41
N GLY A 350 -5.01 13.60 0.47
CA GLY A 350 -5.74 12.91 1.52
C GLY A 350 -6.26 13.81 2.62
N ASN A 351 -5.60 14.96 2.84
CA ASN A 351 -6.07 15.90 3.87
C ASN A 351 -7.41 16.53 3.51
N GLU A 352 -7.69 16.69 2.21
CA GLU A 352 -8.92 17.34 1.78
C GLU A 352 -10.06 16.34 1.68
N LEU A 353 -11.23 16.72 2.20
CA LEU A 353 -12.42 15.88 2.09
C LEU A 353 -12.97 15.98 0.67
N LEU A 354 -13.04 14.87 -0.02
CA LEU A 354 -13.51 14.88 -1.39
C LEU A 354 -15.01 14.59 -1.46
N PRO A 355 -15.68 15.08 -2.52
CA PRO A 355 -17.13 14.87 -2.62
C PRO A 355 -17.58 13.43 -2.45
N HIS A 356 -16.95 12.48 -3.16
CA HIS A 356 -17.36 11.08 -3.05
C HIS A 356 -17.11 10.52 -1.64
N GLU A 357 -16.06 10.99 -0.96
CA GLU A 357 -15.83 10.57 0.42
C GLU A 357 -16.90 11.14 1.35
N LYS A 358 -17.21 12.43 1.19
CA LYS A 358 -18.25 13.05 2.00
C LYS A 358 -19.61 12.38 1.77
N LYS A 359 -19.90 11.97 0.53
CA LYS A 359 -21.20 11.36 0.25
C LYS A 359 -21.37 10.08 1.06
N VAL A 360 -20.36 9.21 1.05
CA VAL A 360 -20.45 7.97 1.82
C VAL A 360 -20.66 8.27 3.30
N VAL A 361 -19.87 9.19 3.86
CA VAL A 361 -20.00 9.47 5.29
C VAL A 361 -21.39 9.98 5.60
N ASP A 362 -21.92 10.86 4.76
CA ASP A 362 -23.25 11.42 5.03
C ASP A 362 -24.33 10.35 4.97
N GLU A 363 -24.19 9.36 4.07
CA GLU A 363 -25.14 8.25 4.06
C GLU A 363 -25.05 7.46 5.36
N CYS A 364 -23.83 7.22 5.83
CA CYS A 364 -23.65 6.56 7.12
C CYS A 364 -24.26 7.37 8.26
N ALA A 365 -24.19 8.70 8.18
CA ALA A 365 -24.74 9.53 9.25
C ALA A 365 -26.24 9.31 9.41
N ASN A 366 -26.93 8.95 8.33
CA ASN A 366 -28.37 8.74 8.41
C ASN A 366 -28.73 7.50 9.21
N LEU A 367 -27.77 6.65 9.56
CA LEU A 367 -28.07 5.45 10.31
C LEU A 367 -28.11 5.69 11.82
N ILE A 368 -27.63 6.85 12.28
CA ILE A 368 -27.57 7.14 13.71
C ILE A 368 -28.97 7.20 14.33
N ALA A 369 -29.96 7.60 13.54
CA ALA A 369 -31.32 7.69 14.08
C ALA A 369 -31.86 6.35 14.58
N ASP A 370 -31.35 5.23 14.07
CA ASP A 370 -31.80 3.91 14.51
C ASP A 370 -31.00 3.36 15.68
N ILE A 371 -30.05 4.11 16.21
CA ILE A 371 -29.36 3.73 17.44
C ILE A 371 -30.12 4.31 18.62
N ASN A 372 -30.47 3.47 19.57
CA ASN A 372 -31.11 3.94 20.79
C ASN A 372 -30.39 3.40 22.02
N LYS B 4 8.36 -13.70 -33.80
CA LYS B 4 9.32 -14.64 -33.27
C LYS B 4 10.32 -13.95 -32.33
N LYS B 5 10.67 -12.69 -32.60
CA LYS B 5 11.85 -12.04 -31.99
C LYS B 5 11.45 -10.98 -30.97
N ILE B 6 11.25 -11.41 -29.72
CA ILE B 6 11.06 -10.50 -28.59
C ILE B 6 12.32 -10.53 -27.74
N GLY B 7 12.96 -9.36 -27.58
CA GLY B 7 14.20 -9.30 -26.83
C GLY B 7 13.95 -9.16 -25.34
N TYR B 8 14.93 -9.64 -24.55
CA TYR B 8 14.86 -9.60 -23.10
C TYR B 8 16.26 -9.27 -22.58
N VAL B 9 16.41 -8.08 -21.99
CA VAL B 9 17.69 -7.64 -21.45
C VAL B 9 17.71 -7.89 -19.96
N TRP B 10 18.59 -8.79 -19.51
CA TRP B 10 18.83 -8.99 -18.10
C TRP B 10 20.32 -9.26 -17.91
N ASP B 11 20.82 -8.91 -16.72
CA ASP B 11 22.18 -9.21 -16.31
C ASP B 11 22.17 -9.41 -14.81
N THR B 12 22.91 -10.41 -14.35
CA THR B 12 22.99 -10.68 -12.92
C THR B 12 23.35 -9.43 -12.12
N LEU B 13 24.19 -8.55 -12.68
CA LEU B 13 24.64 -7.35 -11.96
C LEU B 13 23.50 -6.41 -11.65
N TYR B 14 22.41 -6.45 -12.43
CA TYR B 14 21.27 -5.59 -12.12
C TYR B 14 20.68 -5.94 -10.76
N SER B 15 20.91 -7.16 -10.26
CA SER B 15 20.42 -7.59 -8.96
C SER B 15 21.48 -7.47 -7.87
N TRP B 16 22.62 -6.83 -8.17
CA TRP B 16 23.70 -6.61 -7.21
C TRP B 16 23.77 -5.17 -6.73
N VAL B 17 22.78 -4.35 -7.06
CA VAL B 17 22.70 -3.01 -6.52
C VAL B 17 22.86 -3.07 -5.01
N ASP B 18 23.72 -2.23 -4.47
CA ASP B 18 23.94 -2.17 -3.03
C ASP B 18 22.89 -1.27 -2.37
N ALA B 26 20.02 6.24 5.85
CA ALA B 26 18.91 7.17 5.97
C ALA B 26 18.37 7.20 7.40
N ALA B 27 18.62 6.13 8.18
CA ALA B 27 18.20 6.11 9.58
C ALA B 27 18.94 7.18 10.39
N ASN B 28 18.29 7.64 11.45
CA ASN B 28 18.76 8.79 12.23
C ASN B 28 18.36 8.55 13.68
N LEU B 29 19.34 8.28 14.54
CA LEU B 29 19.03 7.87 15.91
C LEU B 29 18.46 9.00 16.76
N SER B 30 18.91 10.25 16.56
CA SER B 30 18.37 11.33 17.37
C SER B 30 16.88 11.52 17.09
N LYS B 31 16.45 11.21 15.87
CA LYS B 31 15.04 11.25 15.52
C LYS B 31 14.31 9.96 15.86
N ARG B 32 15.02 8.98 16.43
CA ARG B 32 14.48 7.68 16.81
C ARG B 32 13.86 6.99 15.60
N ILE B 33 14.53 7.10 14.46
CA ILE B 33 14.20 6.35 13.26
C ILE B 33 15.06 5.08 13.31
N GLN B 34 14.43 3.97 13.67
CA GLN B 34 15.15 2.71 13.85
C GLN B 34 15.68 2.18 12.53
N PRO B 35 16.93 1.72 12.48
CA PRO B 35 17.47 1.18 11.22
C PRO B 35 16.61 0.07 10.65
N ILE B 36 16.51 0.07 9.32
CA ILE B 36 15.82 -0.92 8.51
C ILE B 36 16.90 -1.76 7.82
N THR B 37 16.75 -3.09 7.85
CA THR B 37 17.73 -3.93 7.19
C THR B 37 17.42 -4.11 5.70
N HIS B 38 16.16 -4.33 5.38
CA HIS B 38 15.70 -4.64 4.02
C HIS B 38 15.10 -3.36 3.43
N HIS B 39 15.90 -2.66 2.63
CA HIS B 39 15.53 -1.31 2.21
C HIS B 39 14.51 -1.37 1.08
N MET B 40 13.87 -0.23 0.82
CA MET B 40 12.70 -0.23 -0.05
C MET B 40 13.04 -0.71 -1.46
N ASN B 41 14.19 -0.26 -1.99
CA ASN B 41 14.64 -0.67 -3.32
C ASN B 41 15.54 -1.90 -3.30
N HIS B 42 15.29 -2.82 -2.39
CA HIS B 42 16.06 -4.05 -2.35
C HIS B 42 15.93 -4.80 -3.67
N PRO B 43 17.00 -5.44 -4.14
CA PRO B 43 16.94 -6.13 -5.45
C PRO B 43 15.99 -7.31 -5.51
N ASP B 44 15.47 -7.82 -4.38
CA ASP B 44 14.61 -9.01 -4.45
C ASP B 44 13.44 -8.79 -5.40
N THR B 45 12.80 -7.62 -5.35
CA THR B 45 11.54 -7.45 -6.09
C THR B 45 11.75 -7.62 -7.60
N LYS B 46 12.75 -6.93 -8.17
CA LYS B 46 13.01 -7.06 -9.60
C LYS B 46 13.66 -8.40 -9.92
N ARG B 47 14.45 -8.93 -8.99
CA ARG B 47 15.00 -10.29 -9.17
C ARG B 47 13.89 -11.32 -9.29
N ARG B 48 12.84 -11.22 -8.46
CA ARG B 48 11.74 -12.17 -8.55
C ARG B 48 11.01 -12.07 -9.88
N PHE B 49 11.01 -10.88 -10.49
CA PHE B 49 10.44 -10.73 -11.83
C PHE B 49 11.27 -11.52 -12.83
N ASN B 50 12.59 -11.32 -12.83
CA ASN B 50 13.45 -12.09 -13.73
C ASN B 50 13.27 -13.59 -13.53
N GLU B 51 13.22 -14.04 -12.28
CA GLU B 51 13.13 -15.46 -12.01
C GLU B 51 11.80 -16.03 -12.47
N LEU B 52 10.73 -15.24 -12.40
CA LEU B 52 9.45 -15.72 -12.92
C LEU B 52 9.48 -15.82 -14.44
N VAL B 53 10.16 -14.88 -15.12
CA VAL B 53 10.37 -15.02 -16.56
C VAL B 53 10.98 -16.38 -16.87
N MET B 54 11.89 -16.86 -16.04
CA MET B 54 12.52 -18.15 -16.36
C MET B 54 11.65 -19.34 -15.96
N THR B 55 11.08 -19.35 -14.77
CA THR B 55 10.37 -20.54 -14.33
C THR B 55 9.00 -20.70 -15.00
N SER B 56 8.46 -19.61 -15.52
CA SER B 56 7.19 -19.65 -16.24
C SER B 56 7.35 -20.23 -17.65
N GLY B 57 8.58 -20.38 -18.12
CA GLY B 57 8.82 -20.77 -19.49
C GLY B 57 8.75 -19.64 -20.49
N GLN B 58 8.43 -18.42 -20.05
CA GLN B 58 8.37 -17.29 -20.97
C GLN B 58 9.72 -17.05 -21.64
N ILE B 59 10.81 -17.38 -20.94
CA ILE B 59 12.15 -17.21 -21.49
C ILE B 59 12.32 -17.98 -22.80
N ASP B 60 11.58 -19.08 -22.96
CA ASP B 60 11.69 -19.87 -24.18
C ASP B 60 11.13 -19.14 -25.41
N PHE B 61 10.36 -18.07 -25.22
CA PHE B 61 9.83 -17.26 -26.31
C PHE B 61 10.55 -15.93 -26.47
N LEU B 62 11.58 -15.69 -25.66
CA LEU B 62 12.32 -14.44 -25.69
C LEU B 62 13.70 -14.67 -26.30
N THR B 63 14.27 -13.60 -26.85
CA THR B 63 15.63 -13.60 -27.34
C THR B 63 16.51 -12.89 -26.32
N PRO B 64 17.34 -13.58 -25.56
CA PRO B 64 18.19 -12.90 -24.59
C PRO B 64 19.15 -11.93 -25.30
N ILE B 65 19.25 -10.73 -24.74
CA ILE B 65 20.08 -9.66 -25.26
C ILE B 65 21.07 -9.28 -24.17
N LYS B 66 22.37 -9.39 -24.48
CA LYS B 66 23.42 -9.02 -23.52
C LYS B 66 23.58 -7.51 -23.47
N PRO B 67 23.50 -6.88 -22.30
CA PRO B 67 23.76 -5.45 -22.21
C PRO B 67 25.25 -5.20 -22.23
N TYR B 68 25.61 -4.03 -22.74
CA TYR B 68 26.98 -3.55 -22.69
C TYR B 68 26.99 -2.18 -22.03
N PRO B 69 28.10 -1.81 -21.38
CA PRO B 69 28.15 -0.54 -20.66
C PRO B 69 27.86 0.63 -21.58
N ALA B 70 27.00 1.54 -21.09
CA ALA B 70 26.89 2.84 -21.72
C ALA B 70 28.18 3.61 -21.48
N THR B 71 28.56 4.43 -22.46
CA THR B 71 29.80 5.18 -22.31
C THR B 71 29.53 6.53 -21.66
N ASP B 72 30.61 7.20 -21.28
CA ASP B 72 30.46 8.56 -20.77
C ASP B 72 29.74 9.44 -21.78
N ALA B 73 30.09 9.30 -23.07
CA ALA B 73 29.44 10.13 -24.08
C ALA B 73 27.96 9.82 -24.20
N ASP B 74 27.57 8.55 -24.03
CA ASP B 74 26.16 8.18 -23.98
C ASP B 74 25.43 8.94 -22.88
N ILE B 75 26.05 9.04 -21.71
CA ILE B 75 25.40 9.71 -20.59
C ILE B 75 25.35 11.21 -20.85
N LEU B 76 26.42 11.77 -21.40
CA LEU B 76 26.54 13.22 -21.55
C LEU B 76 25.68 13.76 -22.69
N ARG B 77 25.04 12.90 -23.49
CA ARG B 77 24.05 13.41 -24.43
C ARG B 77 22.88 14.07 -23.72
N VAL B 78 22.54 13.62 -22.51
CA VAL B 78 21.40 14.18 -21.78
C VAL B 78 21.76 14.73 -20.40
N HIS B 79 22.87 14.31 -19.78
CA HIS B 79 23.22 14.77 -18.46
C HIS B 79 24.44 15.69 -18.50
N ASP B 80 24.52 16.62 -17.54
CA ASP B 80 25.70 17.48 -17.42
C ASP B 80 26.89 16.72 -16.84
N LYS B 81 28.07 17.28 -17.10
CA LYS B 81 29.31 16.72 -16.55
C LYS B 81 29.27 16.65 -15.03
N GLN B 82 28.61 17.63 -14.38
CA GLN B 82 28.56 17.66 -12.93
C GLN B 82 27.81 16.47 -12.37
N LEU B 83 26.74 16.05 -13.04
CA LEU B 83 26.04 14.84 -12.63
C LEU B 83 26.96 13.63 -12.74
N LEU B 84 27.61 13.46 -13.89
CA LEU B 84 28.46 12.28 -14.09
C LEU B 84 29.68 12.31 -13.16
N ASP B 85 30.23 13.49 -12.91
CA ASP B 85 31.35 13.58 -11.96
C ASP B 85 30.89 13.28 -10.55
N ASN B 86 29.69 13.73 -10.16
CA ASN B 86 29.15 13.35 -8.86
C ASN B 86 28.98 11.84 -8.76
N ALA B 87 28.50 11.21 -9.83
CA ALA B 87 28.30 9.76 -9.83
C ALA B 87 29.64 9.02 -9.73
N LYS B 88 30.67 9.54 -10.39
CA LYS B 88 31.99 8.91 -10.31
C LYS B 88 32.63 9.16 -8.94
N ASN B 89 32.51 10.38 -8.43
CA ASN B 89 33.12 10.73 -7.15
C ASN B 89 32.19 10.36 -6.00
N GLY B 109 31.69 0.83 -5.83
CA GLY B 109 31.82 1.14 -7.24
C GLY B 109 30.57 0.85 -8.07
N GLY B 110 29.40 1.18 -7.51
CA GLY B 110 28.13 0.90 -8.14
C GLY B 110 27.88 1.61 -9.45
N ILE B 111 28.71 2.59 -9.83
CA ILE B 111 28.48 3.27 -11.10
C ILE B 111 28.55 2.28 -12.24
N GLU B 112 29.28 1.17 -12.06
CA GLU B 112 29.35 0.16 -13.11
C GLU B 112 27.95 -0.36 -13.45
N ILE B 113 27.11 -0.57 -12.45
CA ILE B 113 25.77 -1.07 -12.75
C ILE B 113 24.94 0.01 -13.41
N ALA B 114 25.11 1.27 -12.99
CA ALA B 114 24.38 2.36 -13.64
C ALA B 114 24.74 2.45 -15.11
N TYR B 115 26.03 2.28 -15.45
CA TYR B 115 26.42 2.25 -16.85
C TYR B 115 25.74 1.11 -17.59
N LEU B 116 25.70 -0.08 -16.96
CA LEU B 116 25.16 -1.27 -17.63
C LEU B 116 23.66 -1.21 -17.78
N SER B 117 23.00 -0.51 -16.87
CA SER B 117 21.55 -0.34 -16.95
C SER B 117 21.19 0.53 -18.15
N ALA B 118 21.79 1.72 -18.23
CA ALA B 118 21.61 2.57 -19.41
C ALA B 118 22.08 1.85 -20.67
N GLY B 119 23.16 1.07 -20.57
CA GLY B 119 23.62 0.31 -21.71
C GLY B 119 22.64 -0.74 -22.18
N GLY B 120 21.88 -1.33 -21.26
CA GLY B 120 20.88 -2.31 -21.66
C GLY B 120 19.75 -1.66 -22.43
N ALA B 121 19.35 -0.45 -22.02
CA ALA B 121 18.33 0.26 -22.78
C ALA B 121 18.82 0.58 -24.20
N ILE B 122 20.09 0.99 -24.32
CA ILE B 122 20.67 1.26 -25.63
C ILE B 122 20.68 0.00 -26.49
N GLU B 123 21.18 -1.11 -25.93
CA GLU B 123 21.25 -2.36 -26.68
C GLU B 123 19.89 -2.75 -27.25
N LEU B 124 18.84 -2.71 -26.42
CA LEU B 124 17.51 -3.05 -26.93
C LEU B 124 17.09 -2.06 -28.01
N THR B 125 17.34 -0.77 -27.78
CA THR B 125 17.02 0.27 -28.77
C THR B 125 17.72 0.01 -30.11
N LYS B 126 19.03 -0.27 -30.06
CA LYS B 126 19.77 -0.58 -31.29
C LYS B 126 19.12 -1.72 -32.06
N LYS B 127 18.76 -2.79 -31.35
CA LYS B 127 18.30 -4.00 -31.99
C LYS B 127 16.86 -3.92 -32.46
N VAL B 128 16.04 -3.07 -31.84
CA VAL B 128 14.70 -2.81 -32.36
C VAL B 128 14.77 -1.97 -33.62
N ILE B 129 15.56 -0.89 -33.59
CA ILE B 129 15.62 0.02 -34.72
C ILE B 129 16.24 -0.66 -35.93
N SER B 130 17.22 -1.53 -35.70
CA SER B 130 17.89 -2.21 -36.81
C SER B 130 17.00 -3.23 -37.49
N GLY B 131 15.96 -3.71 -36.80
CA GLY B 131 15.11 -4.76 -37.32
C GLY B 131 15.44 -6.15 -36.81
N GLU B 132 16.53 -6.31 -36.06
CA GLU B 132 16.85 -7.62 -35.50
C GLU B 132 15.74 -8.13 -34.59
N LEU B 133 15.16 -7.23 -33.80
CA LEU B 133 14.02 -7.54 -32.93
C LEU B 133 12.87 -6.61 -33.26
N HIS B 134 11.66 -7.11 -33.03
CA HIS B 134 10.45 -6.31 -33.22
C HIS B 134 10.20 -5.41 -32.01
N THR B 135 10.35 -5.98 -30.82
CA THR B 135 10.14 -5.29 -29.55
C THR B 135 10.89 -6.08 -28.48
N GLY B 136 10.71 -5.69 -27.23
CA GLY B 136 11.36 -6.43 -26.16
C GLY B 136 11.27 -5.65 -24.86
N TYR B 137 11.76 -6.29 -23.80
CA TYR B 137 11.71 -5.74 -22.45
C TYR B 137 13.12 -5.73 -21.86
N ALA B 138 13.55 -4.58 -21.36
CA ALA B 138 14.86 -4.46 -20.70
C ALA B 138 14.63 -4.35 -19.19
N LEU B 139 14.84 -5.47 -18.48
CA LEU B 139 14.66 -5.50 -17.02
C LEU B 139 15.94 -4.98 -16.34
N VAL B 140 16.16 -3.68 -16.46
CA VAL B 140 17.39 -3.08 -15.97
C VAL B 140 17.16 -2.52 -14.58
N SER B 141 18.28 -2.29 -13.86
CA SER B 141 18.35 -1.61 -12.56
C SER B 141 19.75 -1.02 -12.50
N PRO B 142 19.94 0.19 -11.95
CA PRO B 142 18.94 1.07 -11.33
C PRO B 142 18.02 1.74 -12.34
N PRO B 143 16.91 2.29 -11.86
CA PRO B 143 15.94 2.96 -12.75
C PRO B 143 16.44 4.34 -13.15
N GLY B 144 15.61 5.05 -13.93
CA GLY B 144 16.11 6.27 -14.51
C GLY B 144 15.29 7.54 -14.53
N HIS B 145 13.95 7.47 -14.46
CA HIS B 145 13.14 8.59 -14.91
C HIS B 145 13.19 9.82 -14.00
N HIS B 146 13.75 9.75 -12.80
CA HIS B 146 13.86 10.94 -11.97
C HIS B 146 15.16 11.70 -12.20
N ALA B 147 16.11 11.13 -12.92
CA ALA B 147 17.39 11.80 -13.13
C ALA B 147 17.21 12.91 -14.16
N THR B 148 17.46 14.14 -13.75
CA THR B 148 17.31 15.29 -14.61
C THR B 148 18.63 15.55 -15.34
N LYS B 149 18.70 16.65 -16.07
CA LYS B 149 19.99 16.96 -16.71
C LYS B 149 21.07 17.15 -15.66
N LYS B 150 20.71 17.69 -14.49
CA LYS B 150 21.70 18.12 -13.50
C LYS B 150 21.81 17.19 -12.30
N ASP B 151 20.77 16.43 -11.95
CA ASP B 151 20.76 15.72 -10.67
C ASP B 151 20.21 14.31 -10.77
N SER B 152 20.95 13.35 -10.21
CA SER B 152 20.43 12.03 -9.89
C SER B 152 19.56 12.11 -8.64
N MET B 153 18.53 11.25 -8.57
CA MET B 153 17.57 11.31 -7.48
C MET B 153 16.57 10.16 -7.56
N GLY B 154 15.91 9.88 -6.42
CA GLY B 154 14.84 8.90 -6.37
C GLY B 154 15.24 7.52 -6.88
N PHE B 155 16.39 7.02 -6.41
CA PHE B 155 17.01 5.75 -6.81
C PHE B 155 17.60 5.80 -8.21
N CYS B 156 17.46 6.91 -8.94
CA CYS B 156 17.89 6.99 -10.34
C CYS B 156 19.23 7.72 -10.46
N ILE B 157 20.21 7.04 -11.04
CA ILE B 157 21.52 7.64 -11.28
C ILE B 157 21.53 8.32 -12.66
N PHE B 158 21.23 7.55 -13.70
CA PHE B 158 21.17 8.03 -15.07
C PHE B 158 19.78 7.77 -15.62
N ASN B 159 19.33 8.64 -16.51
CA ASN B 159 18.01 8.50 -17.12
C ASN B 159 18.11 7.52 -18.29
N ASN B 160 17.84 6.25 -18.00
CA ASN B 160 18.02 5.20 -19.00
C ASN B 160 17.22 5.48 -20.26
N THR B 161 15.93 5.81 -20.13
CA THR B 161 15.13 5.94 -21.34
C THR B 161 15.52 7.18 -22.16
N SER B 162 15.88 8.27 -21.49
CA SER B 162 16.34 9.47 -22.22
C SER B 162 17.70 9.23 -22.87
N ILE B 163 18.56 8.43 -22.25
CA ILE B 163 19.84 8.08 -22.86
C ILE B 163 19.62 7.23 -24.11
N ALA B 164 18.63 6.32 -24.07
CA ALA B 164 18.32 5.51 -25.24
C ALA B 164 17.67 6.34 -26.34
N ALA B 165 16.84 7.32 -25.97
CA ALA B 165 16.23 8.17 -26.98
C ALA B 165 17.27 9.07 -27.63
N ALA B 166 18.19 9.64 -26.85
CA ALA B 166 19.25 10.45 -27.43
C ALA B 166 20.14 9.62 -28.35
N TYR B 167 20.40 8.36 -27.98
CA TYR B 167 21.16 7.48 -28.85
C TYR B 167 20.42 7.25 -30.16
N ALA B 168 19.13 6.93 -30.06
CA ALA B 168 18.31 6.71 -31.25
C ALA B 168 18.33 7.93 -32.16
N LYS B 169 18.30 9.14 -31.57
CA LYS B 169 18.31 10.37 -32.36
C LYS B 169 19.69 10.65 -32.93
N ASP B 170 20.71 10.68 -32.08
CA ASP B 170 22.02 11.21 -32.47
C ASP B 170 22.85 10.19 -33.25
N ILE B 171 22.80 8.93 -32.85
CA ILE B 171 23.59 7.90 -33.52
C ILE B 171 22.80 7.26 -34.66
N LEU B 172 21.54 6.94 -34.41
CA LEU B 172 20.75 6.16 -35.35
C LEU B 172 19.86 7.02 -36.24
N GLY B 173 19.83 8.33 -36.03
CA GLY B 173 19.25 9.24 -37.00
C GLY B 173 17.77 9.51 -36.89
N LEU B 174 17.13 9.10 -35.81
CA LEU B 174 15.69 9.28 -35.68
C LEU B 174 15.37 10.74 -35.39
N LYS B 175 14.25 11.21 -35.95
CA LYS B 175 13.84 12.59 -35.78
C LYS B 175 12.82 12.77 -34.66
N ARG B 176 11.97 11.78 -34.41
CA ARG B 176 10.94 11.86 -33.38
C ARG B 176 10.92 10.60 -32.54
N VAL B 177 11.02 10.77 -31.21
CA VAL B 177 10.92 9.67 -30.27
C VAL B 177 9.82 10.03 -29.27
N ALA B 178 9.10 9.01 -28.80
CA ALA B 178 8.12 9.16 -27.73
C ALA B 178 8.53 8.29 -26.55
N ILE B 179 8.53 8.90 -25.37
CA ILE B 179 8.77 8.21 -24.10
C ILE B 179 7.47 8.24 -23.31
N VAL B 180 6.91 7.06 -23.06
CA VAL B 180 5.66 6.89 -22.33
C VAL B 180 6.01 6.25 -21.01
N ASP B 181 5.79 6.97 -19.91
CA ASP B 181 6.24 6.59 -18.58
C ASP B 181 5.01 6.25 -17.73
N TRP B 182 4.79 4.97 -17.45
CA TRP B 182 3.66 4.55 -16.62
C TRP B 182 4.08 4.05 -15.25
N ASP B 183 5.35 4.22 -14.88
CA ASP B 183 5.70 4.19 -13.47
C ASP B 183 4.77 5.14 -12.73
N VAL B 184 4.36 4.75 -11.52
CA VAL B 184 3.34 5.51 -10.80
C VAL B 184 3.81 6.88 -10.33
N HIS B 185 5.10 7.12 -10.36
CA HIS B 185 5.64 8.41 -9.97
C HIS B 185 5.94 9.26 -11.19
N HIS B 186 6.00 10.57 -10.98
CA HIS B 186 6.21 11.48 -12.10
C HIS B 186 7.63 11.37 -12.65
N GLY B 187 7.74 11.27 -13.97
CA GLY B 187 9.02 11.26 -14.64
C GLY B 187 9.61 12.65 -14.80
N ASN B 188 9.95 13.28 -13.67
CA ASN B 188 10.43 14.66 -13.71
C ASN B 188 11.77 14.77 -14.41
N GLY B 189 12.61 13.74 -14.29
CA GLY B 189 13.90 13.78 -14.97
C GLY B 189 13.72 13.84 -16.47
N THR B 190 12.92 12.92 -17.01
CA THR B 190 12.67 12.89 -18.44
C THR B 190 12.00 14.18 -18.91
N GLN B 191 11.06 14.69 -18.11
CA GLN B 191 10.41 15.95 -18.44
C GLN B 191 11.44 17.06 -18.56
N ASP B 192 12.39 17.12 -17.62
CA ASP B 192 13.39 18.18 -17.62
C ASP B 192 14.32 18.07 -18.82
N ILE B 193 14.75 16.85 -19.14
CA ILE B 193 15.77 16.64 -20.17
C ILE B 193 15.25 17.11 -21.54
N TRP B 194 13.98 16.87 -21.83
CA TRP B 194 13.42 17.19 -23.12
C TRP B 194 12.49 18.40 -23.07
N TRP B 195 12.60 19.21 -22.02
CA TRP B 195 11.65 20.29 -21.73
C TRP B 195 11.47 21.24 -22.91
N GLU B 196 12.56 21.64 -23.55
CA GLU B 196 12.52 22.60 -24.65
C GLU B 196 12.70 21.93 -26.01
N ASP B 197 12.30 20.66 -26.14
CA ASP B 197 12.63 19.84 -27.31
C ASP B 197 11.39 19.11 -27.80
N SER B 198 10.96 19.43 -29.04
CA SER B 198 9.80 18.72 -29.60
C SER B 198 10.16 17.40 -30.26
N SER B 199 11.45 17.09 -30.36
CA SER B 199 11.86 15.85 -31.01
C SER B 199 11.75 14.64 -30.09
N VAL B 200 11.45 14.86 -28.81
CA VAL B 200 11.08 13.78 -27.90
C VAL B 200 9.79 14.16 -27.20
N LEU B 201 8.71 13.50 -27.56
CA LEU B 201 7.44 13.66 -26.86
C LEU B 201 7.51 12.86 -25.57
N THR B 202 7.37 13.55 -24.42
CA THR B 202 7.49 12.92 -23.12
C THR B 202 6.10 12.90 -22.47
N ILE B 203 5.64 11.69 -22.12
CA ILE B 203 4.34 11.50 -21.49
C ILE B 203 4.54 10.76 -20.17
N SER B 204 3.94 11.27 -19.11
CA SER B 204 4.02 10.63 -17.81
C SER B 204 2.60 10.53 -17.25
N ILE B 205 2.16 9.31 -16.96
CA ILE B 205 0.95 9.09 -16.19
C ILE B 205 1.39 8.62 -14.81
N HIS B 206 0.81 9.21 -13.78
CA HIS B 206 1.33 9.02 -12.44
C HIS B 206 0.26 9.40 -11.44
N GLN B 207 0.47 8.99 -10.20
CA GLN B 207 -0.41 9.44 -9.14
C GLN B 207 -0.08 10.90 -8.82
N ASN B 208 -1.10 11.76 -8.86
CA ASN B 208 -0.90 13.18 -8.56
C ASN B 208 -0.22 13.36 -7.22
N LYS B 209 0.88 14.12 -7.22
CA LYS B 209 1.56 14.56 -6.00
C LYS B 209 2.24 13.43 -5.23
N CYS B 210 2.51 12.29 -5.88
CA CYS B 210 3.06 11.14 -5.16
C CYS B 210 4.57 11.28 -4.98
N PHE B 211 5.33 11.28 -6.07
CA PHE B 211 6.76 11.61 -6.02
C PHE B 211 7.25 12.07 -7.38
N PRO B 212 7.92 13.23 -7.47
CA PRO B 212 8.13 14.22 -6.38
C PRO B 212 6.81 14.84 -6.00
N THR B 213 6.65 15.41 -4.80
CA THR B 213 5.31 15.85 -4.41
C THR B 213 4.90 17.15 -5.07
N ASN B 214 5.85 17.87 -5.68
CA ASN B 214 5.60 19.21 -6.18
C ASN B 214 5.78 19.30 -7.70
N SER B 215 5.54 18.21 -8.42
CA SER B 215 5.65 18.25 -9.88
C SER B 215 4.67 17.26 -10.51
N GLY B 216 4.60 17.29 -11.83
CA GLY B 216 3.74 16.40 -12.57
C GLY B 216 2.36 16.94 -12.89
N PHE B 217 2.18 18.26 -12.82
CA PHE B 217 0.85 18.81 -13.00
C PHE B 217 0.58 19.06 -14.48
N ILE B 218 -0.71 19.19 -14.82
CA ILE B 218 -1.06 19.27 -16.23
C ILE B 218 -0.54 20.55 -16.87
N ASN B 219 -0.25 21.60 -16.11
CA ASN B 219 0.23 22.82 -16.74
C ASN B 219 1.72 22.79 -17.02
N GLU B 220 2.40 21.68 -16.76
CA GLU B 220 3.81 21.50 -17.12
C GLU B 220 3.83 20.90 -18.52
N ARG B 221 4.02 21.75 -19.54
CA ARG B 221 3.79 21.36 -20.92
C ARG B 221 5.00 21.60 -21.82
N GLY B 222 6.16 21.89 -21.25
CA GLY B 222 7.33 22.24 -22.03
C GLY B 222 7.44 23.73 -22.26
N ALA B 223 8.54 24.12 -22.90
CA ALA B 223 8.85 25.52 -23.15
C ALA B 223 9.46 25.65 -24.53
N GLY B 224 9.28 26.83 -25.14
CA GLY B 224 9.93 27.11 -26.42
C GLY B 224 9.48 26.17 -27.51
N ASN B 225 10.44 25.64 -28.27
CA ASN B 225 10.14 24.65 -29.30
C ASN B 225 9.46 23.41 -28.71
N GLY B 226 9.68 23.15 -27.43
CA GLY B 226 9.08 22.02 -26.76
C GLY B 226 7.69 22.25 -26.20
N PHE B 227 7.16 23.48 -26.28
CA PHE B 227 5.83 23.71 -25.72
C PHE B 227 4.81 22.84 -26.44
N GLY B 228 4.09 22.04 -25.66
CA GLY B 228 3.12 21.09 -26.19
C GLY B 228 3.65 19.69 -26.34
N TYR B 229 4.92 19.45 -26.01
CA TYR B 229 5.54 18.13 -26.23
C TYR B 229 5.96 17.49 -24.92
N ASN B 230 5.39 17.95 -23.82
CA ASN B 230 5.39 17.24 -22.54
C ASN B 230 3.95 17.14 -22.07
N LEU B 231 3.52 15.94 -21.69
CA LEU B 231 2.11 15.74 -21.35
C LEU B 231 2.04 14.89 -20.09
N ASN B 232 1.54 15.49 -19.01
CA ASN B 232 1.38 14.84 -17.71
C ASN B 232 -0.07 14.43 -17.51
N ILE B 233 -0.28 13.23 -16.98
CA ILE B 233 -1.62 12.74 -16.63
C ILE B 233 -1.60 12.41 -15.14
N PRO B 234 -1.94 13.37 -14.28
CA PRO B 234 -1.86 13.13 -12.83
C PRO B 234 -3.15 12.58 -12.24
N LEU B 235 -3.29 11.26 -12.25
CA LEU B 235 -4.50 10.61 -11.78
C LEU B 235 -4.61 10.68 -10.26
N PRO B 236 -5.83 10.64 -9.71
CA PRO B 236 -6.02 10.73 -8.27
C PRO B 236 -5.67 9.41 -7.59
N PRO B 237 -5.21 9.48 -6.34
CA PRO B 237 -5.07 8.26 -5.54
C PRO B 237 -6.34 7.41 -5.58
N GLY B 238 -6.15 6.09 -5.57
CA GLY B 238 -7.27 5.18 -5.66
C GLY B 238 -7.65 4.80 -7.07
N SER B 239 -7.04 5.38 -8.09
CA SER B 239 -7.33 5.01 -9.47
C SER B 239 -6.85 3.59 -9.75
N GLY B 240 -7.60 2.85 -10.58
CA GLY B 240 -7.23 1.51 -10.95
C GLY B 240 -7.25 1.29 -12.47
N ASN B 241 -7.54 0.04 -12.85
CA ASN B 241 -7.57 -0.32 -14.27
C ASN B 241 -8.51 0.60 -15.05
N GLY B 242 -9.65 0.95 -14.46
CA GLY B 242 -10.61 1.77 -15.18
C GLY B 242 -10.03 3.09 -15.64
N ALA B 243 -9.40 3.83 -14.70
CA ALA B 243 -8.82 5.12 -15.06
C ALA B 243 -7.60 4.95 -15.96
N TYR B 244 -6.74 3.96 -15.69
CA TYR B 244 -5.53 3.77 -16.47
C TYR B 244 -5.85 3.42 -17.92
N ILE B 245 -6.75 2.45 -18.13
CA ILE B 245 -7.11 2.06 -19.49
C ILE B 245 -7.79 3.20 -20.22
N TYR B 246 -8.69 3.91 -19.54
CA TYR B 246 -9.32 5.06 -20.15
C TYR B 246 -8.27 6.10 -20.54
N ALA B 247 -7.31 6.37 -19.65
CA ALA B 247 -6.26 7.34 -19.96
C ALA B 247 -5.45 6.91 -21.17
N PHE B 248 -5.17 5.61 -21.31
CA PHE B 248 -4.39 5.16 -22.45
C PHE B 248 -5.16 5.30 -23.76
N GLU B 249 -6.46 4.96 -23.74
CA GLU B 249 -7.25 4.98 -24.97
C GLU B 249 -7.68 6.37 -25.37
N LYS B 250 -7.86 7.25 -24.39
CA LYS B 250 -8.35 8.61 -24.62
C LYS B 250 -7.23 9.62 -24.84
N VAL B 251 -6.05 9.39 -24.26
CA VAL B 251 -5.02 10.40 -24.27
C VAL B 251 -3.75 9.85 -24.90
N ILE B 252 -3.19 8.79 -24.30
CA ILE B 252 -1.83 8.39 -24.68
C ILE B 252 -1.80 7.88 -26.13
N VAL B 253 -2.69 6.94 -26.48
CA VAL B 253 -2.70 6.42 -27.85
C VAL B 253 -3.02 7.50 -28.87
N PRO B 254 -4.06 8.32 -28.72
CA PRO B 254 -4.26 9.42 -29.69
C PRO B 254 -3.12 10.43 -29.71
N ALA B 255 -2.45 10.69 -28.58
CA ALA B 255 -1.28 11.56 -28.59
C ALA B 255 -0.17 10.95 -29.44
N LEU B 256 0.01 9.63 -29.35
CA LEU B 256 1.06 8.97 -30.13
C LEU B 256 0.74 9.00 -31.62
N LYS B 257 -0.51 8.73 -31.98
CA LYS B 257 -0.92 8.86 -33.37
C LYS B 257 -0.68 10.28 -33.89
N LYS B 258 -0.95 11.28 -33.06
CA LYS B 258 -0.78 12.67 -33.52
C LYS B 258 0.68 12.98 -33.75
N TYR B 259 1.54 12.51 -32.86
CA TYR B 259 2.95 12.86 -32.90
C TYR B 259 3.72 12.06 -33.94
N GLU B 260 3.28 10.86 -34.27
CA GLU B 260 3.95 9.97 -35.21
C GLU B 260 5.41 9.72 -34.86
N PRO B 261 5.68 9.14 -33.68
CA PRO B 261 7.07 8.83 -33.30
C PRO B 261 7.66 7.73 -34.16
N GLU B 262 8.97 7.84 -34.45
CA GLU B 262 9.64 6.74 -35.13
C GLU B 262 10.01 5.62 -34.16
N LEU B 263 10.00 5.91 -32.86
CA LEU B 263 10.29 4.90 -31.85
C LEU B 263 9.50 5.26 -30.59
N ILE B 264 8.96 4.25 -29.93
CA ILE B 264 8.23 4.43 -28.67
C ILE B 264 9.01 3.71 -27.59
N ILE B 265 9.47 4.43 -26.59
CA ILE B 265 10.16 3.86 -25.43
C ILE B 265 9.23 3.97 -24.24
N VAL B 266 8.91 2.84 -23.61
CA VAL B 266 8.03 2.84 -22.44
C VAL B 266 8.87 2.72 -21.19
N GLY B 267 8.69 3.66 -20.27
CA GLY B 267 9.25 3.53 -18.95
C GLY B 267 8.29 2.72 -18.12
N SER B 268 8.58 1.43 -17.94
CA SER B 268 7.63 0.46 -17.38
C SER B 268 7.95 0.22 -15.90
N GLY B 269 7.26 0.95 -15.02
CA GLY B 269 7.24 0.64 -13.62
C GLY B 269 5.98 -0.13 -13.25
N PHE B 270 6.03 -0.88 -12.14
CA PHE B 270 4.84 -1.59 -11.68
C PHE B 270 4.40 -1.13 -10.31
N ASP B 271 4.77 0.09 -9.93
CA ASP B 271 4.42 0.59 -8.61
C ASP B 271 3.04 1.23 -8.58
N ALA B 272 2.32 1.21 -9.69
CA ALA B 272 0.89 1.49 -9.64
C ALA B 272 0.07 0.28 -9.26
N SER B 273 0.71 -0.87 -8.99
CA SER B 273 -0.05 -2.06 -8.65
C SER B 273 -0.78 -1.91 -7.33
N ILE B 274 -1.87 -2.65 -7.21
CA ILE B 274 -2.76 -2.61 -6.05
C ILE B 274 -2.04 -2.97 -4.74
N LEU B 275 -0.89 -3.62 -4.80
CA LEU B 275 -0.16 -3.95 -3.58
C LEU B 275 1.09 -3.09 -3.36
N ASP B 276 1.36 -2.11 -4.20
CA ASP B 276 2.63 -1.42 -4.01
C ASP B 276 2.57 -0.46 -2.83
N PRO B 277 3.56 -0.48 -1.93
CA PRO B 277 3.52 0.46 -0.80
C PRO B 277 3.80 1.91 -1.20
N LEU B 278 4.44 2.15 -2.34
CA LEU B 278 4.82 3.51 -2.71
C LEU B 278 3.80 4.19 -3.61
N SER B 279 2.57 3.66 -3.66
CA SER B 279 1.49 4.42 -4.27
C SER B 279 0.19 3.96 -3.64
N ARG B 280 -0.89 4.62 -4.05
CA ARG B 280 -2.25 4.27 -3.67
C ARG B 280 -3.09 3.87 -4.88
N MET B 281 -2.47 3.41 -5.96
CA MET B 281 -3.24 3.00 -7.13
C MET B 281 -3.52 1.49 -7.10
N MET B 282 -4.43 1.06 -7.99
CA MET B 282 -5.07 -0.25 -7.90
C MET B 282 -4.95 -1.03 -9.21
N VAL B 283 -3.86 -0.84 -9.95
CA VAL B 283 -3.71 -1.54 -11.21
C VAL B 283 -3.42 -3.01 -10.95
N SER B 284 -4.05 -3.89 -11.72
CA SER B 284 -3.78 -5.32 -11.63
C SER B 284 -2.87 -5.76 -12.76
N SER B 285 -2.45 -7.03 -12.70
CA SER B 285 -1.61 -7.57 -13.76
C SER B 285 -2.35 -7.49 -15.10
N GLU B 286 -3.67 -7.71 -15.10
CA GLU B 286 -4.43 -7.58 -16.34
C GLU B 286 -4.46 -6.13 -16.84
N GLY B 287 -4.40 -5.16 -15.92
CA GLY B 287 -4.32 -3.77 -16.33
C GLY B 287 -3.00 -3.44 -17.02
N PHE B 288 -1.89 -3.91 -16.45
CA PHE B 288 -0.60 -3.70 -17.12
C PHE B 288 -0.55 -4.41 -18.46
N LYS B 289 -1.13 -5.61 -18.55
CA LYS B 289 -1.19 -6.31 -19.83
C LYS B 289 -1.89 -5.46 -20.88
N LYS B 290 -3.07 -4.95 -20.54
CA LYS B 290 -3.83 -4.13 -21.48
C LYS B 290 -3.07 -2.86 -21.83
N MET B 291 -2.37 -2.29 -20.86
CA MET B 291 -1.57 -1.09 -21.10
C MET B 291 -0.46 -1.38 -22.12
N ALA B 292 0.26 -2.48 -21.91
CA ALA B 292 1.29 -2.88 -22.87
C ALA B 292 0.68 -3.17 -24.24
N SER B 293 -0.44 -3.92 -24.26
CA SER B 293 -1.13 -4.25 -25.51
C SER B 293 -1.49 -3.00 -26.29
N LEU B 294 -2.02 -1.97 -25.62
CA LEU B 294 -2.41 -0.76 -26.33
C LEU B 294 -1.21 -0.07 -26.96
N ILE B 295 -0.05 -0.11 -26.30
CA ILE B 295 1.15 0.52 -26.85
C ILE B 295 1.66 -0.27 -28.03
N LEU B 296 1.71 -1.60 -27.90
CA LEU B 296 2.16 -2.45 -28.99
C LEU B 296 1.23 -2.32 -30.19
N GLU B 297 -0.07 -2.23 -29.93
CA GLU B 297 -1.04 -2.12 -31.01
C GLU B 297 -0.87 -0.81 -31.77
N VAL B 298 -0.76 0.32 -31.06
CA VAL B 298 -0.58 1.57 -31.80
C VAL B 298 0.79 1.59 -32.49
N SER B 299 1.82 1.01 -31.87
CA SER B 299 3.13 0.95 -32.51
C SER B 299 3.05 0.14 -33.80
N ASN B 300 2.44 -1.05 -33.73
CA ASN B 300 2.25 -1.87 -34.93
C ASN B 300 1.54 -1.10 -36.02
N GLU B 301 0.67 -0.15 -35.65
CA GLU B 301 -0.10 0.58 -36.65
C GLU B 301 0.63 1.78 -37.22
N ILE B 302 1.53 2.42 -36.48
CA ILE B 302 2.06 3.71 -36.90
C ILE B 302 3.58 3.74 -37.11
N ASN B 303 4.38 2.82 -36.54
CA ASN B 303 5.81 2.92 -36.85
C ASN B 303 6.44 1.55 -36.98
N GLY B 304 5.68 0.58 -37.50
CA GLY B 304 6.24 -0.75 -37.70
C GLY B 304 6.47 -1.53 -36.43
N GLY B 305 5.76 -1.19 -35.36
CA GLY B 305 5.94 -1.90 -34.11
C GLY B 305 7.22 -1.57 -33.38
N LYS B 306 7.87 -0.46 -33.73
CA LYS B 306 9.16 -0.11 -33.15
C LYS B 306 8.92 0.49 -31.78
N CYS B 307 8.83 -0.38 -30.79
CA CYS B 307 8.62 0.04 -29.41
C CYS B 307 9.37 -0.91 -28.49
N LEU B 308 9.71 -0.41 -27.31
CA LEU B 308 10.41 -1.24 -26.32
C LEU B 308 10.07 -0.75 -24.92
N PHE B 309 10.35 -1.60 -23.94
CA PHE B 309 9.92 -1.37 -22.56
C PHE B 309 11.13 -1.48 -21.65
N VAL B 310 11.32 -0.47 -20.79
CA VAL B 310 12.49 -0.36 -19.92
C VAL B 310 12.02 -0.27 -18.48
N GLN B 311 12.55 -1.15 -17.63
CA GLN B 311 12.07 -1.21 -16.24
C GLN B 311 12.32 0.10 -15.52
N GLU B 312 11.28 0.61 -14.83
CA GLU B 312 11.46 1.68 -13.87
C GLU B 312 11.23 1.13 -12.46
N GLY B 313 10.27 1.66 -11.69
CA GLY B 313 10.12 1.27 -10.30
C GLY B 313 9.15 0.10 -10.06
N GLY B 314 8.92 -0.16 -8.77
CA GLY B 314 8.03 -1.23 -8.35
C GLY B 314 8.57 -1.94 -7.13
N TYR B 315 7.73 -2.20 -6.12
CA TYR B 315 8.20 -2.53 -4.78
C TYR B 315 7.42 -3.63 -4.08
N SER B 316 6.57 -4.38 -4.79
CA SER B 316 5.82 -5.49 -4.22
C SER B 316 6.50 -6.79 -4.63
N PRO B 317 7.26 -7.43 -3.74
CA PRO B 317 7.85 -8.73 -4.12
C PRO B 317 6.81 -9.80 -4.44
N HIS B 318 5.64 -9.75 -3.79
CA HIS B 318 4.56 -10.70 -4.07
C HIS B 318 4.01 -10.53 -5.47
N TYR B 319 3.68 -9.29 -5.85
CA TYR B 319 2.81 -9.06 -7.00
C TYR B 319 3.53 -8.51 -8.22
N LEU B 320 4.60 -7.73 -8.04
CA LEU B 320 5.33 -7.21 -9.21
C LEU B 320 5.74 -8.29 -10.21
N PRO B 321 6.22 -9.48 -9.81
CA PRO B 321 6.56 -10.49 -10.82
C PRO B 321 5.41 -10.83 -11.74
N PHE B 322 4.18 -10.87 -11.24
CA PHE B 322 3.05 -11.21 -12.11
C PHE B 322 2.63 -10.03 -12.97
N CYS B 323 2.79 -8.82 -12.47
CA CYS B 323 2.57 -7.65 -13.31
C CYS B 323 3.58 -7.60 -14.44
N GLY B 324 4.85 -7.87 -14.14
CA GLY B 324 5.86 -7.86 -15.18
C GLY B 324 5.67 -8.97 -16.18
N LEU B 325 5.34 -10.17 -15.69
CA LEU B 325 5.08 -11.30 -16.58
C LEU B 325 3.94 -10.99 -17.52
N ALA B 326 2.92 -10.30 -17.02
CA ALA B 326 1.75 -9.99 -17.85
C ALA B 326 2.16 -9.13 -19.04
N VAL B 327 3.10 -8.21 -18.84
CA VAL B 327 3.60 -7.40 -19.94
C VAL B 327 4.44 -8.25 -20.89
N ILE B 328 5.29 -9.12 -20.33
CA ILE B 328 6.04 -10.06 -21.16
C ILE B 328 5.08 -10.89 -22.02
N GLU B 329 4.03 -11.44 -21.40
CA GLU B 329 3.06 -12.25 -22.12
C GLU B 329 2.34 -11.44 -23.20
N ALA B 330 2.26 -10.12 -23.04
CA ALA B 330 1.67 -9.29 -24.08
C ALA B 330 2.59 -9.16 -25.27
N LEU B 331 3.91 -9.21 -25.04
CA LEU B 331 4.87 -9.16 -26.13
C LEU B 331 4.97 -10.51 -26.84
N THR B 332 5.00 -11.61 -26.09
CA THR B 332 5.21 -12.93 -26.67
C THR B 332 3.93 -13.56 -27.19
N GLY B 333 2.77 -13.08 -26.75
CA GLY B 333 1.51 -13.72 -27.09
C GLY B 333 1.31 -15.09 -26.49
N MET B 334 2.08 -15.45 -25.47
CA MET B 334 2.01 -16.79 -24.89
C MET B 334 1.55 -16.63 -23.45
N HIS B 335 0.32 -17.03 -23.15
CA HIS B 335 -0.19 -17.02 -21.79
C HIS B 335 0.07 -18.38 -21.15
N THR B 336 1.13 -18.46 -20.36
CA THR B 336 1.57 -19.70 -19.75
C THR B 336 1.20 -19.81 -18.29
N LEU B 337 0.72 -18.74 -17.67
CA LEU B 337 0.54 -18.74 -16.23
C LEU B 337 -0.53 -17.74 -15.84
N ASP B 338 -1.35 -18.11 -14.87
CA ASP B 338 -2.40 -17.24 -14.39
C ASP B 338 -1.89 -16.39 -13.23
N ASP B 339 -2.45 -15.22 -13.11
CA ASP B 339 -2.23 -14.35 -11.95
C ASP B 339 -2.97 -14.93 -10.77
N PRO B 340 -2.29 -15.33 -9.69
CA PRO B 340 -3.00 -15.96 -8.57
C PRO B 340 -3.95 -15.01 -7.85
N LEU B 341 -3.89 -13.72 -8.11
CA LEU B 341 -4.74 -12.75 -7.42
C LEU B 341 -5.95 -12.33 -8.23
N ILE B 342 -6.16 -12.91 -9.41
CA ILE B 342 -7.12 -12.37 -10.38
C ILE B 342 -8.50 -12.24 -9.76
N ASP B 343 -8.94 -13.26 -9.01
CA ASP B 343 -10.26 -13.21 -8.41
C ASP B 343 -10.30 -12.20 -7.26
N MET B 344 -9.24 -12.16 -6.45
CA MET B 344 -9.15 -11.21 -5.34
C MET B 344 -9.32 -9.77 -5.81
N VAL B 345 -8.38 -9.29 -6.62
CA VAL B 345 -8.34 -7.88 -6.96
C VAL B 345 -9.51 -7.49 -7.86
N GLY B 346 -10.06 -8.45 -8.61
CA GLY B 346 -11.22 -8.17 -9.42
C GLY B 346 -12.42 -7.73 -8.61
N GLU B 347 -12.50 -8.15 -7.36
CA GLU B 347 -13.58 -7.75 -6.47
C GLU B 347 -13.24 -6.53 -5.63
N MET B 348 -12.04 -5.98 -5.75
CA MET B 348 -11.64 -4.89 -4.88
C MET B 348 -11.92 -3.50 -5.45
N GLY B 349 -12.42 -3.40 -6.66
CA GLY B 349 -12.62 -2.08 -7.21
C GLY B 349 -11.36 -1.49 -7.82
N GLY B 350 -11.50 -0.24 -8.26
CA GLY B 350 -10.56 0.36 -9.18
C GLY B 350 -10.85 0.08 -10.63
N ASN B 351 -11.65 -0.95 -10.92
CA ASN B 351 -11.94 -1.30 -12.30
C ASN B 351 -12.98 -0.40 -12.94
N GLU B 352 -13.85 0.22 -12.14
CA GLU B 352 -14.80 1.19 -12.67
C GLU B 352 -14.14 2.56 -12.80
N LEU B 353 -14.40 3.23 -13.93
CA LEU B 353 -13.93 4.60 -14.13
C LEU B 353 -14.79 5.58 -13.33
N LEU B 354 -14.19 6.24 -12.35
CA LEU B 354 -14.97 7.15 -11.52
C LEU B 354 -15.04 8.55 -12.15
N PRO B 355 -16.07 9.32 -11.83
CA PRO B 355 -16.19 10.66 -12.44
C PRO B 355 -15.00 11.57 -12.19
N HIS B 356 -14.44 11.58 -10.97
CA HIS B 356 -13.28 12.42 -10.72
C HIS B 356 -12.07 11.95 -11.53
N GLU B 357 -11.96 10.65 -11.77
CA GLU B 357 -10.86 10.16 -12.60
C GLU B 357 -11.06 10.58 -14.05
N LYS B 358 -12.27 10.40 -14.58
CA LYS B 358 -12.50 10.72 -15.99
C LYS B 358 -12.32 12.21 -16.27
N LYS B 359 -12.67 13.08 -15.32
CA LYS B 359 -12.52 14.52 -15.55
C LYS B 359 -11.05 14.88 -15.73
N VAL B 360 -10.16 14.30 -14.92
CA VAL B 360 -8.73 14.54 -15.11
C VAL B 360 -8.28 14.07 -16.50
N VAL B 361 -8.70 12.87 -16.89
CA VAL B 361 -8.27 12.32 -18.18
C VAL B 361 -8.77 13.20 -19.32
N ASP B 362 -10.05 13.61 -19.27
CA ASP B 362 -10.61 14.42 -20.34
C ASP B 362 -9.92 15.78 -20.43
N GLU B 363 -9.54 16.35 -19.29
CA GLU B 363 -8.73 17.57 -19.27
C GLU B 363 -7.43 17.36 -20.03
N CYS B 364 -6.74 16.26 -19.75
CA CYS B 364 -5.48 15.96 -20.43
C CYS B 364 -5.68 15.78 -21.93
N ALA B 365 -6.81 15.20 -22.33
CA ALA B 365 -7.05 14.95 -23.76
C ALA B 365 -7.13 16.25 -24.55
N ASN B 366 -7.56 17.35 -23.92
CA ASN B 366 -7.59 18.63 -24.61
C ASN B 366 -6.21 19.09 -25.02
N LEU B 367 -5.16 18.57 -24.38
CA LEU B 367 -3.80 18.96 -24.66
C LEU B 367 -3.26 18.41 -25.98
N ILE B 368 -3.89 17.37 -26.54
CA ILE B 368 -3.41 16.74 -27.76
C ILE B 368 -3.45 17.71 -28.93
N ALA B 369 -4.44 18.60 -28.95
CA ALA B 369 -4.56 19.54 -30.07
C ALA B 369 -3.28 20.36 -30.29
N ASP B 370 -2.41 20.48 -29.29
CA ASP B 370 -1.16 21.20 -29.45
C ASP B 370 0.02 20.31 -29.80
N ILE B 371 -0.19 19.01 -29.97
CA ILE B 371 0.87 18.14 -30.49
C ILE B 371 0.86 18.15 -32.02
#